data_2CR8
#
_entry.id   2CR8
#
loop_
_entity.id
_entity.type
_entity.pdbx_description
1 polymer 'Mdm4 protein'
2 non-polymer 'ZINC ION'
#
_entity_poly.entity_id   1
_entity_poly.type   'polypeptide(L)'
_entity_poly.pdbx_seq_one_letter_code
;GSSGSSGSEDEWQCTECKKFNSPSKRYCFRCWALRKDWYSDCSKLTHSGPSSG
;
_entity_poly.pdbx_strand_id   A
#
# COMPACT_ATOMS: atom_id res chain seq x y z
N GLY A 1 -26.48 -4.25 -9.35
CA GLY A 1 -26.89 -4.64 -8.01
C GLY A 1 -26.45 -3.65 -6.95
N SER A 2 -25.26 -3.86 -6.41
CA SER A 2 -24.73 -2.98 -5.37
C SER A 2 -23.23 -2.76 -5.57
N SER A 3 -22.85 -1.50 -5.76
CA SER A 3 -21.46 -1.14 -5.98
C SER A 3 -20.96 -0.24 -4.85
N GLY A 4 -20.29 -0.84 -3.87
CA GLY A 4 -19.77 -0.07 -2.76
C GLY A 4 -20.86 0.51 -1.88
N SER A 5 -20.62 0.56 -0.57
CA SER A 5 -21.59 1.09 0.36
C SER A 5 -21.12 2.41 0.96
N SER A 6 -21.63 3.52 0.43
CA SER A 6 -21.25 4.85 0.89
C SER A 6 -19.78 4.88 1.31
N GLY A 7 -18.94 4.25 0.49
CA GLY A 7 -17.51 4.22 0.79
C GLY A 7 -16.66 4.41 -0.45
N SER A 8 -15.36 4.60 -0.25
CA SER A 8 -14.44 4.80 -1.36
C SER A 8 -13.66 3.52 -1.66
N GLU A 9 -13.10 3.44 -2.87
CA GLU A 9 -12.34 2.28 -3.28
C GLU A 9 -10.84 2.60 -3.36
N ASP A 10 -10.36 3.38 -2.39
CA ASP A 10 -8.96 3.76 -2.35
C ASP A 10 -8.21 3.01 -1.25
N GLU A 11 -8.52 1.73 -1.11
CA GLU A 11 -7.88 0.89 -0.10
C GLU A 11 -6.72 0.11 -0.69
N TRP A 12 -5.65 -0.04 0.09
CA TRP A 12 -4.47 -0.77 -0.36
C TRP A 12 -4.60 -2.25 -0.06
N GLN A 13 -4.20 -3.08 -1.01
CA GLN A 13 -4.26 -4.53 -0.85
C GLN A 13 -3.07 -5.06 -0.06
N CYS A 14 -3.33 -5.99 0.83
CA CYS A 14 -2.27 -6.58 1.66
C CYS A 14 -1.51 -7.66 0.89
N THR A 15 -0.35 -8.05 1.41
CA THR A 15 0.46 -9.08 0.77
C THR A 15 0.36 -10.40 1.52
N GLU A 16 0.14 -10.32 2.83
CA GLU A 16 0.02 -11.51 3.66
C GLU A 16 -1.38 -12.11 3.56
N CYS A 17 -2.35 -11.41 4.13
CA CYS A 17 -3.74 -11.86 4.11
C CYS A 17 -4.42 -11.48 2.81
N LYS A 18 -3.89 -10.45 2.15
CA LYS A 18 -4.45 -9.98 0.88
C LYS A 18 -5.85 -9.39 1.09
N LYS A 19 -5.97 -8.55 2.11
CA LYS A 19 -7.26 -7.91 2.41
C LYS A 19 -7.15 -6.40 2.25
N PHE A 20 -8.22 -5.80 1.74
CA PHE A 20 -8.25 -4.35 1.54
C PHE A 20 -8.25 -3.61 2.87
N ASN A 21 -7.52 -2.51 2.93
CA ASN A 21 -7.43 -1.71 4.15
C ASN A 21 -7.28 -0.23 3.82
N SER A 22 -7.75 0.62 4.73
CA SER A 22 -7.67 2.07 4.53
C SER A 22 -6.25 2.49 4.16
N PRO A 23 -6.15 3.50 3.29
CA PRO A 23 -4.85 4.03 2.84
C PRO A 23 -4.10 4.77 3.94
N SER A 24 -4.81 5.67 4.63
CA SER A 24 -4.21 6.45 5.71
C SER A 24 -3.43 5.54 6.66
N LYS A 25 -4.03 4.41 7.01
CA LYS A 25 -3.40 3.45 7.91
C LYS A 25 -2.11 2.90 7.31
N ARG A 26 -1.24 2.38 8.17
CA ARG A 26 0.03 1.82 7.71
C ARG A 26 0.05 0.31 7.91
N TYR A 27 -0.26 -0.13 9.12
CA TYR A 27 -0.29 -1.56 9.43
C TYR A 27 -1.63 -2.18 9.07
N CYS A 28 -1.60 -3.48 8.77
CA CYS A 28 -2.81 -4.21 8.41
C CYS A 28 -3.53 -4.74 9.65
N PHE A 29 -4.72 -4.22 9.91
CA PHE A 29 -5.51 -4.63 11.05
C PHE A 29 -6.04 -6.05 10.86
N ARG A 30 -5.74 -6.64 9.70
CA ARG A 30 -6.19 -7.99 9.40
C ARG A 30 -5.17 -9.03 9.86
N CYS A 31 -3.90 -8.79 9.53
CA CYS A 31 -2.83 -9.70 9.91
C CYS A 31 -1.72 -8.96 10.65
N TRP A 32 -2.03 -7.74 11.10
CA TRP A 32 -1.06 -6.92 11.83
C TRP A 32 0.29 -6.93 11.12
N ALA A 33 0.26 -6.94 9.79
CA ALA A 33 1.48 -6.93 8.99
C ALA A 33 1.67 -5.60 8.29
N LEU A 34 2.83 -4.99 8.48
CA LEU A 34 3.14 -3.71 7.86
C LEU A 34 3.60 -3.90 6.42
N ARG A 35 3.02 -3.13 5.51
CA ARG A 35 3.37 -3.22 4.10
C ARG A 35 4.85 -2.93 3.88
N LYS A 36 5.48 -3.72 3.01
CA LYS A 36 6.89 -3.55 2.72
C LYS A 36 7.10 -2.63 1.53
N ASP A 37 8.33 -2.19 1.33
CA ASP A 37 8.67 -1.30 0.22
C ASP A 37 10.02 -1.66 -0.37
N TRP A 38 10.10 -1.59 -1.70
CA TRP A 38 11.34 -1.92 -2.41
C TRP A 38 11.93 -0.67 -3.07
N TYR A 39 13.21 -0.41 -2.81
CA TYR A 39 13.89 0.74 -3.38
C TYR A 39 14.53 0.39 -4.72
N SER A 40 15.22 -0.74 -4.76
CA SER A 40 15.89 -1.18 -5.97
C SER A 40 16.92 -0.17 -6.44
N ASP A 41 17.75 0.30 -5.51
CA ASP A 41 18.78 1.27 -5.81
C ASP A 41 19.57 0.86 -7.06
N CYS A 42 19.61 1.74 -8.05
CA CYS A 42 20.33 1.46 -9.29
C CYS A 42 21.26 2.62 -9.65
N SER A 43 20.71 3.83 -9.66
CA SER A 43 21.48 5.01 -9.99
C SER A 43 21.14 6.17 -9.05
N LYS A 44 21.97 7.21 -9.07
CA LYS A 44 21.75 8.38 -8.23
C LYS A 44 21.53 9.64 -9.07
N LEU A 45 20.53 10.42 -8.72
CA LEU A 45 20.21 11.64 -9.45
C LEU A 45 21.22 12.74 -9.12
N THR A 46 22.24 12.87 -9.95
CA THR A 46 23.28 13.88 -9.75
C THR A 46 22.66 15.25 -9.53
N HIS A 47 21.40 15.41 -9.93
CA HIS A 47 20.70 16.67 -9.77
C HIS A 47 19.84 16.67 -8.51
N SER A 48 19.68 17.84 -7.90
CA SER A 48 18.89 17.97 -6.68
C SER A 48 17.67 18.84 -6.92
N GLY A 49 17.89 20.02 -7.49
CA GLY A 49 16.79 20.93 -7.76
C GLY A 49 16.04 20.57 -9.02
N PRO A 50 16.51 21.11 -10.16
CA PRO A 50 15.90 20.86 -11.47
C PRO A 50 16.09 19.42 -11.94
N SER A 51 15.67 19.13 -13.16
CA SER A 51 15.80 17.80 -13.73
C SER A 51 15.89 17.87 -15.25
N SER A 52 16.90 17.21 -15.80
CA SER A 52 17.10 17.19 -17.25
C SER A 52 16.45 15.96 -17.88
N GLY A 53 16.36 15.96 -19.20
CA GLY A 53 15.76 14.84 -19.90
C GLY A 53 16.63 14.31 -21.02
N GLY A 1 -15.51 18.88 -5.31
CA GLY A 1 -15.39 19.45 -6.64
C GLY A 1 -14.26 20.44 -6.76
N SER A 2 -13.11 19.98 -7.22
CA SER A 2 -11.94 20.84 -7.37
C SER A 2 -10.89 20.19 -8.26
N SER A 3 -10.08 21.01 -8.93
CA SER A 3 -9.04 20.52 -9.82
C SER A 3 -7.76 20.23 -9.04
N GLY A 4 -7.08 19.14 -9.41
CA GLY A 4 -5.85 18.78 -8.74
C GLY A 4 -5.30 17.45 -9.22
N SER A 5 -4.28 16.94 -8.52
CA SER A 5 -3.67 15.67 -8.89
C SER A 5 -4.41 14.50 -8.24
N SER A 6 -4.12 13.29 -8.72
CA SER A 6 -4.76 12.10 -8.19
C SER A 6 -3.92 11.47 -7.09
N GLY A 7 -4.59 10.87 -6.11
CA GLY A 7 -3.88 10.25 -5.00
C GLY A 7 -4.39 8.84 -4.72
N SER A 8 -4.68 8.56 -3.45
CA SER A 8 -5.15 7.24 -3.05
C SER A 8 -6.65 7.28 -2.76
N GLU A 9 -7.44 6.74 -3.69
CA GLU A 9 -8.89 6.70 -3.53
C GLU A 9 -9.34 5.39 -2.88
N ASP A 10 -8.89 4.29 -3.46
CA ASP A 10 -9.25 2.97 -2.95
C ASP A 10 -8.23 2.48 -1.93
N GLU A 11 -8.65 1.58 -1.05
CA GLU A 11 -7.76 1.04 -0.02
C GLU A 11 -6.61 0.26 -0.64
N TRP A 12 -5.59 -0.02 0.15
CA TRP A 12 -4.42 -0.76 -0.33
C TRP A 12 -4.59 -2.25 -0.06
N GLN A 13 -4.18 -3.07 -1.03
CA GLN A 13 -4.28 -4.52 -0.90
C GLN A 13 -3.15 -5.07 -0.04
N CYS A 14 -3.41 -6.20 0.61
CA CYS A 14 -2.40 -6.83 1.46
C CYS A 14 -1.63 -7.90 0.70
N THR A 15 -0.58 -8.43 1.33
CA THR A 15 0.24 -9.45 0.71
C THR A 15 0.23 -10.74 1.53
N GLU A 16 -0.20 -10.63 2.78
CA GLU A 16 -0.26 -11.78 3.67
C GLU A 16 -1.68 -12.35 3.74
N CYS A 17 -2.66 -11.47 3.85
CA CYS A 17 -4.05 -11.87 3.91
C CYS A 17 -4.85 -11.31 2.73
N LYS A 18 -4.14 -10.71 1.79
CA LYS A 18 -4.77 -10.13 0.61
C LYS A 18 -6.06 -9.40 0.98
N LYS A 19 -6.04 -8.76 2.14
CA LYS A 19 -7.21 -8.02 2.63
C LYS A 19 -6.98 -6.51 2.51
N PHE A 20 -7.94 -5.81 1.92
CA PHE A 20 -7.84 -4.37 1.75
C PHE A 20 -7.90 -3.66 3.09
N ASN A 21 -7.17 -2.56 3.21
CA ASN A 21 -7.14 -1.79 4.46
C ASN A 21 -7.04 -0.29 4.16
N SER A 22 -7.72 0.51 4.97
CA SER A 22 -7.72 1.96 4.80
C SER A 22 -6.30 2.46 4.48
N PRO A 23 -6.22 3.43 3.56
CA PRO A 23 -4.95 4.02 3.14
C PRO A 23 -4.31 4.87 4.25
N SER A 24 -5.12 5.25 5.24
CA SER A 24 -4.64 6.07 6.34
C SER A 24 -3.70 5.27 7.24
N LYS A 25 -4.09 4.03 7.54
CA LYS A 25 -3.27 3.17 8.38
C LYS A 25 -2.14 2.54 7.59
N ARG A 26 -1.10 2.09 8.30
CA ARG A 26 0.06 1.48 7.66
C ARG A 26 0.07 -0.03 7.89
N TYR A 27 -0.22 -0.44 9.12
CA TYR A 27 -0.23 -1.85 9.47
C TYR A 27 -1.61 -2.45 9.23
N CYS A 28 -1.67 -3.44 8.34
CA CYS A 28 -2.93 -4.10 8.02
C CYS A 28 -3.75 -4.37 9.28
N PHE A 29 -5.04 -4.07 9.21
CA PHE A 29 -5.93 -4.27 10.36
C PHE A 29 -6.45 -5.71 10.38
N ARG A 30 -5.73 -6.61 9.72
CA ARG A 30 -6.12 -8.01 9.66
C ARG A 30 -4.98 -8.91 10.13
N CYS A 31 -3.77 -8.63 9.65
CA CYS A 31 -2.60 -9.40 10.02
C CYS A 31 -1.48 -8.50 10.53
N TRP A 32 -1.85 -7.33 11.01
CA TRP A 32 -0.88 -6.37 11.53
C TRP A 32 0.43 -6.45 10.75
N ALA A 33 0.33 -6.35 9.43
CA ALA A 33 1.52 -6.40 8.58
C ALA A 33 1.98 -5.01 8.19
N LEU A 34 3.20 -4.66 8.61
CA LEU A 34 3.76 -3.34 8.31
C LEU A 34 3.89 -3.14 6.80
N ARG A 35 3.75 -1.89 6.37
CA ARG A 35 3.85 -1.56 4.94
C ARG A 35 5.03 -2.28 4.30
N LYS A 36 5.07 -2.26 2.98
CA LYS A 36 6.15 -2.91 2.23
C LYS A 36 7.47 -2.17 2.44
N ASP A 37 8.45 -2.86 2.98
CA ASP A 37 9.77 -2.27 3.22
C ASP A 37 10.74 -2.63 2.10
N TRP A 38 11.06 -1.65 1.26
CA TRP A 38 11.98 -1.86 0.15
C TRP A 38 13.31 -1.16 0.40
N TYR A 39 13.23 0.04 0.96
CA TYR A 39 14.43 0.83 1.25
C TYR A 39 14.42 1.33 2.69
N SER A 40 15.57 1.27 3.34
CA SER A 40 15.70 1.72 4.72
C SER A 40 17.15 2.02 5.06
N ASP A 41 17.37 3.12 5.79
CA ASP A 41 18.71 3.52 6.18
C ASP A 41 19.04 3.02 7.60
N CYS A 42 20.15 2.29 7.70
CA CYS A 42 20.57 1.75 8.99
C CYS A 42 21.25 2.82 9.84
N SER A 43 20.43 3.64 10.50
CA SER A 43 20.95 4.72 11.34
C SER A 43 21.97 4.18 12.34
N LYS A 44 21.56 3.18 13.12
CA LYS A 44 22.43 2.58 14.12
C LYS A 44 21.99 1.17 14.44
N LEU A 45 22.94 0.24 14.48
CA LEU A 45 22.64 -1.16 14.78
C LEU A 45 21.78 -1.28 16.03
N THR A 46 22.19 -0.57 17.09
CA THR A 46 21.46 -0.60 18.35
C THR A 46 21.85 0.57 19.24
N HIS A 47 20.91 1.07 20.03
CA HIS A 47 21.15 2.18 20.93
C HIS A 47 21.32 1.69 22.37
N SER A 48 22.54 1.29 22.72
CA SER A 48 22.82 0.81 24.06
C SER A 48 21.69 -0.08 24.57
N GLY A 49 21.17 -0.93 23.68
CA GLY A 49 20.09 -1.82 24.06
C GLY A 49 18.73 -1.28 23.67
N PRO A 50 17.73 -2.17 23.56
CA PRO A 50 16.37 -1.80 23.20
C PRO A 50 15.67 -1.00 24.29
N SER A 51 14.90 0.00 23.89
CA SER A 51 14.17 0.84 24.84
C SER A 51 12.74 0.37 24.99
N SER A 52 12.09 0.08 23.86
CA SER A 52 10.70 -0.37 23.87
C SER A 52 10.62 -1.89 23.73
N GLY A 53 9.83 -2.52 24.59
CA GLY A 53 9.69 -3.95 24.54
C GLY A 53 8.62 -4.41 23.56
N GLY A 1 -21.88 17.38 2.83
CA GLY A 1 -20.53 17.62 2.35
C GLY A 1 -20.17 16.72 1.19
N SER A 2 -18.87 16.47 1.02
CA SER A 2 -18.39 15.63 -0.07
C SER A 2 -16.90 15.35 0.07
N SER A 3 -16.43 14.29 -0.59
CA SER A 3 -15.03 13.91 -0.52
C SER A 3 -14.48 13.61 -1.93
N GLY A 4 -13.91 14.63 -2.56
CA GLY A 4 -13.37 14.45 -3.90
C GLY A 4 -14.24 13.56 -4.77
N SER A 5 -15.47 14.01 -5.01
CA SER A 5 -16.41 13.25 -5.82
C SER A 5 -16.31 11.76 -5.52
N SER A 6 -16.22 11.42 -4.24
CA SER A 6 -16.12 10.04 -3.81
C SER A 6 -16.97 9.13 -4.70
N GLY A 7 -16.51 7.89 -4.87
CA GLY A 7 -17.24 6.95 -5.70
C GLY A 7 -16.76 5.52 -5.51
N SER A 8 -15.48 5.30 -5.77
CA SER A 8 -14.89 3.97 -5.63
C SER A 8 -13.75 3.98 -4.62
N GLU A 9 -13.69 2.94 -3.79
CA GLU A 9 -12.64 2.83 -2.79
C GLU A 9 -11.29 2.50 -3.43
N ASP A 10 -10.26 3.24 -3.03
CA ASP A 10 -8.92 3.02 -3.57
C ASP A 10 -7.97 2.54 -2.47
N GLU A 11 -8.46 1.65 -1.62
CA GLU A 11 -7.64 1.12 -0.54
C GLU A 11 -6.47 0.30 -1.08
N TRP A 12 -5.51 0.00 -0.21
CA TRP A 12 -4.34 -0.77 -0.60
C TRP A 12 -4.46 -2.22 -0.14
N GLN A 13 -4.37 -3.15 -1.07
CA GLN A 13 -4.47 -4.57 -0.76
C GLN A 13 -3.26 -5.03 0.05
N CYS A 14 -3.47 -6.05 0.87
CA CYS A 14 -2.40 -6.60 1.70
C CYS A 14 -1.60 -7.64 0.93
N THR A 15 -0.53 -8.13 1.55
CA THR A 15 0.33 -9.13 0.93
C THR A 15 0.22 -10.47 1.65
N GLU A 16 -0.08 -10.41 2.95
CA GLU A 16 -0.20 -11.62 3.75
C GLU A 16 -1.64 -12.13 3.73
N CYS A 17 -2.57 -11.32 4.22
CA CYS A 17 -3.97 -11.69 4.27
C CYS A 17 -4.68 -11.26 2.99
N LYS A 18 -3.99 -10.49 2.16
CA LYS A 18 -4.55 -10.01 0.90
C LYS A 18 -5.93 -9.39 1.12
N LYS A 19 -6.01 -8.43 2.03
CA LYS A 19 -7.27 -7.75 2.33
C LYS A 19 -7.11 -6.24 2.22
N PHE A 20 -8.06 -5.60 1.53
CA PHE A 20 -8.03 -4.15 1.35
C PHE A 20 -8.02 -3.44 2.71
N ASN A 21 -7.31 -2.32 2.77
CA ASN A 21 -7.21 -1.55 4.00
C ASN A 21 -7.08 -0.05 3.70
N SER A 22 -7.77 0.76 4.49
CA SER A 22 -7.73 2.21 4.30
C SER A 22 -6.29 2.70 4.17
N PRO A 23 -6.10 3.78 3.40
CA PRO A 23 -4.77 4.38 3.17
C PRO A 23 -4.23 5.05 4.42
N SER A 24 -5.04 5.09 5.48
CA SER A 24 -4.64 5.71 6.73
C SER A 24 -3.89 4.72 7.62
N LYS A 25 -4.44 3.51 7.72
CA LYS A 25 -3.82 2.47 8.54
C LYS A 25 -2.51 2.00 7.93
N ARG A 26 -1.42 2.17 8.66
CA ARG A 26 -0.10 1.77 8.19
C ARG A 26 0.10 0.27 8.36
N TYR A 27 -0.31 -0.26 9.51
CA TYR A 27 -0.17 -1.68 9.79
C TYR A 27 -1.51 -2.39 9.64
N CYS A 28 -1.66 -3.15 8.56
CA CYS A 28 -2.89 -3.87 8.29
C CYS A 28 -3.53 -4.35 9.60
N PHE A 29 -4.73 -3.85 9.87
CA PHE A 29 -5.46 -4.21 11.09
C PHE A 29 -6.19 -5.55 10.91
N ARG A 30 -5.53 -6.48 10.23
CA ARG A 30 -6.12 -7.80 9.99
C ARG A 30 -5.10 -8.90 10.28
N CYS A 31 -3.86 -8.68 9.88
CA CYS A 31 -2.80 -9.66 10.10
C CYS A 31 -1.57 -9.00 10.72
N TRP A 32 -1.66 -7.69 10.95
CA TRP A 32 -0.55 -6.95 11.54
C TRP A 32 0.70 -7.07 10.69
N ALA A 33 0.58 -6.76 9.40
CA ALA A 33 1.71 -6.84 8.49
C ALA A 33 1.96 -5.49 7.81
N LEU A 34 3.17 -4.98 7.97
CA LEU A 34 3.54 -3.69 7.38
C LEU A 34 3.16 -3.65 5.90
N ARG A 35 2.60 -2.51 5.47
CA ARG A 35 2.19 -2.35 4.08
C ARG A 35 3.35 -2.65 3.14
N LYS A 36 4.29 -1.72 3.05
CA LYS A 36 5.45 -1.88 2.18
C LYS A 36 6.67 -1.14 2.74
N ASP A 37 7.85 -1.62 2.40
CA ASP A 37 9.09 -1.01 2.87
C ASP A 37 9.52 0.13 1.95
N TRP A 38 8.56 0.94 1.53
CA TRP A 38 8.83 2.07 0.64
C TRP A 38 8.41 3.38 1.30
N TYR A 39 8.62 3.48 2.60
CA TYR A 39 8.27 4.69 3.34
C TYR A 39 9.18 5.85 2.95
N SER A 40 10.48 5.60 2.94
CA SER A 40 11.46 6.63 2.58
C SER A 40 12.35 6.16 1.44
N ASP A 41 11.87 6.32 0.22
CA ASP A 41 12.62 5.90 -0.96
C ASP A 41 12.67 7.03 -1.99
N CYS A 42 13.60 7.97 -1.80
CA CYS A 42 13.75 9.10 -2.71
C CYS A 42 14.42 8.66 -4.00
N SER A 43 13.61 8.31 -4.99
CA SER A 43 14.12 7.87 -6.29
C SER A 43 13.86 8.91 -7.36
N LYS A 44 14.86 9.16 -8.20
CA LYS A 44 14.74 10.14 -9.28
C LYS A 44 14.01 9.54 -10.47
N LEU A 45 12.95 10.22 -10.91
CA LEU A 45 12.17 9.74 -12.05
C LEU A 45 13.08 9.16 -13.14
N THR A 46 12.99 7.86 -13.33
CA THR A 46 13.79 7.18 -14.33
C THR A 46 13.05 7.05 -15.65
N HIS A 47 11.72 7.13 -15.59
CA HIS A 47 10.89 7.03 -16.78
C HIS A 47 11.18 8.18 -17.74
N SER A 48 10.97 7.93 -19.03
CA SER A 48 11.21 8.95 -20.06
C SER A 48 9.90 9.55 -20.53
N GLY A 49 9.86 10.88 -20.59
CA GLY A 49 8.66 11.57 -21.03
C GLY A 49 8.78 13.08 -20.91
N PRO A 50 9.48 13.70 -21.86
CA PRO A 50 9.69 15.15 -21.87
C PRO A 50 8.40 15.91 -22.19
N SER A 51 7.64 15.41 -23.15
CA SER A 51 6.39 16.03 -23.55
C SER A 51 5.24 15.04 -23.54
N SER A 52 5.46 13.89 -24.19
CA SER A 52 4.44 12.85 -24.26
C SER A 52 3.05 13.45 -24.46
N GLY A 53 2.98 14.46 -25.32
CA GLY A 53 1.71 15.11 -25.60
C GLY A 53 1.66 16.53 -25.07
N GLY A 1 -8.04 12.96 -16.20
CA GLY A 1 -8.92 11.84 -15.89
C GLY A 1 -9.27 11.78 -14.42
N SER A 2 -8.69 10.80 -13.72
CA SER A 2 -8.95 10.63 -12.30
C SER A 2 -7.71 10.94 -11.47
N SER A 3 -7.00 12.01 -11.84
CA SER A 3 -5.80 12.41 -11.14
C SER A 3 -6.02 13.72 -10.40
N GLY A 4 -5.19 13.97 -9.39
CA GLY A 4 -5.30 15.19 -8.60
C GLY A 4 -4.59 15.09 -7.27
N SER A 5 -5.34 14.79 -6.22
CA SER A 5 -4.77 14.67 -4.88
C SER A 5 -3.85 13.46 -4.78
N SER A 6 -2.60 13.71 -4.40
CA SER A 6 -1.62 12.62 -4.26
C SER A 6 -2.16 11.52 -3.36
N GLY A 7 -2.62 11.89 -2.18
CA GLY A 7 -3.15 10.91 -1.24
C GLY A 7 -3.86 9.77 -1.94
N SER A 8 -3.46 8.54 -1.62
CA SER A 8 -4.07 7.37 -2.23
C SER A 8 -5.53 7.23 -1.81
N GLU A 9 -6.43 7.75 -2.65
CA GLU A 9 -7.86 7.69 -2.36
C GLU A 9 -8.33 6.24 -2.23
N ASP A 10 -7.87 5.39 -3.15
CA ASP A 10 -8.25 3.98 -3.14
C ASP A 10 -7.51 3.24 -2.02
N GLU A 11 -8.08 2.12 -1.58
CA GLU A 11 -7.49 1.32 -0.52
C GLU A 11 -6.37 0.45 -1.07
N TRP A 12 -5.39 0.15 -0.22
CA TRP A 12 -4.26 -0.69 -0.62
C TRP A 12 -4.51 -2.15 -0.26
N GLN A 13 -4.03 -3.06 -1.11
CA GLN A 13 -4.20 -4.48 -0.89
C GLN A 13 -3.07 -5.04 -0.02
N CYS A 14 -3.38 -6.06 0.76
CA CYS A 14 -2.40 -6.69 1.64
C CYS A 14 -1.59 -7.73 0.89
N THR A 15 -0.48 -8.17 1.48
CA THR A 15 0.38 -9.17 0.87
C THR A 15 0.25 -10.51 1.60
N GLU A 16 -0.22 -10.46 2.84
CA GLU A 16 -0.37 -11.66 3.65
C GLU A 16 -1.79 -12.22 3.52
N CYS A 17 -2.77 -11.39 3.85
CA CYS A 17 -4.17 -11.79 3.78
C CYS A 17 -4.88 -11.09 2.62
N LYS A 18 -4.10 -10.42 1.79
CA LYS A 18 -4.66 -9.71 0.64
C LYS A 18 -5.98 -9.03 1.01
N LYS A 19 -6.13 -8.68 2.28
CA LYS A 19 -7.35 -8.03 2.75
C LYS A 19 -7.24 -6.52 2.63
N PHE A 20 -8.11 -5.93 1.83
CA PHE A 20 -8.11 -4.48 1.63
C PHE A 20 -8.16 -3.74 2.97
N ASN A 21 -7.57 -2.55 3.00
CA ASN A 21 -7.54 -1.75 4.22
C ASN A 21 -7.58 -0.26 3.88
N SER A 22 -8.14 0.53 4.80
CA SER A 22 -8.24 1.97 4.61
C SER A 22 -6.93 2.54 4.08
N PRO A 23 -7.03 3.53 3.17
CA PRO A 23 -5.86 4.18 2.57
C PRO A 23 -5.11 5.05 3.57
N SER A 24 -5.73 5.28 4.73
CA SER A 24 -5.11 6.09 5.78
C SER A 24 -4.62 5.23 6.93
N LYS A 25 -4.18 4.01 6.60
CA LYS A 25 -3.68 3.09 7.61
C LYS A 25 -2.18 2.87 7.46
N ARG A 26 -1.61 2.07 8.36
CA ARG A 26 -0.18 1.79 8.32
C ARG A 26 0.08 0.29 8.17
N TYR A 27 -0.35 -0.48 9.17
CA TYR A 27 -0.16 -1.92 9.16
C TYR A 27 -1.50 -2.64 9.20
N CYS A 28 -1.57 -3.80 8.56
CA CYS A 28 -2.79 -4.59 8.53
C CYS A 28 -3.26 -4.93 9.94
N PHE A 29 -4.37 -4.32 10.35
CA PHE A 29 -4.91 -4.56 11.69
C PHE A 29 -5.51 -5.97 11.79
N ARG A 30 -5.45 -6.71 10.68
CA ARG A 30 -5.99 -8.07 10.65
C ARG A 30 -4.87 -9.09 10.79
N CYS A 31 -3.76 -8.87 10.09
CA CYS A 31 -2.63 -9.77 10.14
C CYS A 31 -1.35 -9.03 10.53
N TRP A 32 -1.52 -7.93 11.26
CA TRP A 32 -0.38 -7.13 11.70
C TRP A 32 0.73 -7.14 10.65
N ALA A 33 0.38 -6.77 9.43
CA ALA A 33 1.35 -6.73 8.33
C ALA A 33 1.84 -5.31 8.09
N LEU A 34 3.07 -5.03 8.51
CA LEU A 34 3.66 -3.71 8.34
C LEU A 34 3.83 -3.38 6.86
N ARG A 35 3.69 -2.11 6.52
CA ARG A 35 3.83 -1.66 5.13
C ARG A 35 4.99 -2.37 4.45
N LYS A 36 4.72 -2.95 3.29
CA LYS A 36 5.74 -3.67 2.53
C LYS A 36 5.97 -3.00 1.17
N ASP A 37 6.90 -2.04 1.15
CA ASP A 37 7.21 -1.33 -0.09
C ASP A 37 8.07 -2.20 -1.00
N TRP A 38 7.83 -2.08 -2.30
CA TRP A 38 8.58 -2.86 -3.29
C TRP A 38 8.89 -2.02 -4.52
N TYR A 39 9.81 -2.51 -5.34
CA TYR A 39 10.21 -1.79 -6.56
C TYR A 39 9.35 -2.23 -7.74
N SER A 40 8.22 -1.56 -7.92
CA SER A 40 7.32 -1.87 -9.02
C SER A 40 7.77 -1.21 -10.32
N ASP A 41 8.04 0.07 -10.26
CA ASP A 41 8.50 0.82 -11.42
C ASP A 41 9.92 0.42 -11.81
N CYS A 42 10.17 0.36 -13.11
CA CYS A 42 11.49 -0.02 -13.61
C CYS A 42 11.84 -1.45 -13.21
N SER A 43 10.85 -2.33 -13.28
CA SER A 43 11.05 -3.73 -12.91
C SER A 43 11.86 -4.46 -13.98
N LYS A 44 12.54 -5.53 -13.57
CA LYS A 44 13.35 -6.32 -14.49
C LYS A 44 12.57 -7.52 -15.00
N LEU A 45 11.29 -7.32 -15.32
CA LEU A 45 10.44 -8.39 -15.83
C LEU A 45 10.52 -9.62 -14.93
N THR A 46 10.50 -9.39 -13.62
CA THR A 46 10.57 -10.47 -12.65
C THR A 46 9.20 -10.75 -12.02
N HIS A 47 8.55 -11.82 -12.46
CA HIS A 47 7.25 -12.18 -11.94
C HIS A 47 6.77 -13.52 -12.52
N SER A 48 5.90 -14.19 -11.79
CA SER A 48 5.37 -15.48 -12.23
C SER A 48 3.87 -15.41 -12.48
N GLY A 49 3.32 -16.45 -13.09
CA GLY A 49 1.90 -16.48 -13.38
C GLY A 49 1.57 -15.94 -14.75
N PRO A 50 0.34 -16.21 -15.22
CA PRO A 50 -0.12 -15.75 -16.53
C PRO A 50 -0.34 -14.25 -16.58
N SER A 51 0.51 -13.55 -17.33
CA SER A 51 0.42 -12.09 -17.45
C SER A 51 0.77 -11.64 -18.86
N SER A 52 0.11 -10.58 -19.32
CA SER A 52 0.34 -10.06 -20.65
C SER A 52 0.50 -8.54 -20.62
N GLY A 53 -0.43 -7.87 -19.95
CA GLY A 53 -0.37 -6.42 -19.85
C GLY A 53 -0.75 -5.73 -21.15
N GLY A 1 -28.28 6.53 -6.66
CA GLY A 1 -27.04 7.03 -6.11
C GLY A 1 -27.05 7.10 -4.59
N SER A 2 -26.48 8.17 -4.05
CA SER A 2 -26.43 8.36 -2.60
C SER A 2 -26.05 9.79 -2.25
N SER A 3 -26.27 10.15 -0.99
CA SER A 3 -25.94 11.50 -0.52
C SER A 3 -24.66 11.49 0.31
N GLY A 4 -24.60 10.61 1.30
CA GLY A 4 -23.43 10.53 2.15
C GLY A 4 -22.28 9.79 1.48
N SER A 5 -21.57 10.48 0.59
CA SER A 5 -20.45 9.88 -0.12
C SER A 5 -19.20 10.74 0.02
N SER A 6 -18.05 10.08 0.14
CA SER A 6 -16.78 10.78 0.29
C SER A 6 -15.84 10.45 -0.87
N GLY A 7 -16.05 11.11 -2.00
CA GLY A 7 -15.22 10.86 -3.16
C GLY A 7 -14.99 9.39 -3.42
N SER A 8 -13.82 9.05 -3.95
CA SER A 8 -13.47 7.67 -4.25
C SER A 8 -12.23 7.24 -3.48
N GLU A 9 -12.44 6.69 -2.28
CA GLU A 9 -11.34 6.24 -1.45
C GLU A 9 -10.79 4.90 -1.94
N ASP A 10 -9.61 4.93 -2.55
CA ASP A 10 -8.99 3.73 -3.06
C ASP A 10 -8.19 3.02 -1.97
N GLU A 11 -8.76 1.93 -1.45
CA GLU A 11 -8.11 1.16 -0.40
C GLU A 11 -6.95 0.34 -0.95
N TRP A 12 -5.95 0.10 -0.12
CA TRP A 12 -4.78 -0.67 -0.52
C TRP A 12 -4.95 -2.15 -0.18
N GLN A 13 -4.25 -3.01 -0.92
CA GLN A 13 -4.33 -4.44 -0.69
C GLN A 13 -3.11 -4.94 0.07
N CYS A 14 -3.31 -5.99 0.87
CA CYS A 14 -2.22 -6.56 1.66
C CYS A 14 -1.49 -7.64 0.88
N THR A 15 -0.30 -8.02 1.36
CA THR A 15 0.49 -9.03 0.70
C THR A 15 0.43 -10.36 1.46
N GLU A 16 0.10 -10.29 2.75
CA GLU A 16 0.00 -11.48 3.58
C GLU A 16 -1.39 -12.08 3.50
N CYS A 17 -2.38 -11.37 4.06
CA CYS A 17 -3.75 -11.85 4.05
C CYS A 17 -4.45 -11.44 2.76
N LYS A 18 -3.85 -10.53 2.03
CA LYS A 18 -4.42 -10.06 0.76
C LYS A 18 -5.81 -9.46 0.98
N LYS A 19 -5.95 -8.66 2.03
CA LYS A 19 -7.23 -8.03 2.34
C LYS A 19 -7.27 -6.59 1.84
N PHE A 20 -8.34 -5.89 2.16
CA PHE A 20 -8.49 -4.49 1.75
C PHE A 20 -8.60 -3.58 2.96
N ASN A 21 -7.65 -2.66 3.07
CA ASN A 21 -7.63 -1.72 4.19
C ASN A 21 -7.51 -0.28 3.68
N SER A 22 -7.73 0.68 4.57
CA SER A 22 -7.64 2.09 4.22
C SER A 22 -6.20 2.50 3.96
N PRO A 23 -6.02 3.46 3.04
CA PRO A 23 -4.69 3.96 2.68
C PRO A 23 -4.05 4.77 3.80
N SER A 24 -4.75 4.86 4.93
CA SER A 24 -4.24 5.62 6.08
C SER A 24 -3.51 4.70 7.05
N LYS A 25 -4.14 3.59 7.40
CA LYS A 25 -3.55 2.62 8.32
C LYS A 25 -2.37 1.90 7.67
N ARG A 26 -1.16 2.30 8.04
CA ARG A 26 0.05 1.70 7.50
C ARG A 26 0.07 0.20 7.77
N TYR A 27 -0.20 -0.18 9.01
CA TYR A 27 -0.20 -1.58 9.40
C TYR A 27 -1.54 -2.24 9.08
N CYS A 28 -1.50 -3.53 8.77
CA CYS A 28 -2.71 -4.27 8.43
C CYS A 28 -3.47 -4.67 9.69
N PHE A 29 -4.64 -4.08 9.88
CA PHE A 29 -5.47 -4.38 11.05
C PHE A 29 -6.03 -5.80 10.97
N ARG A 30 -5.71 -6.50 9.89
CA ARG A 30 -6.19 -7.87 9.69
C ARG A 30 -5.11 -8.88 10.11
N CYS A 31 -3.86 -8.57 9.78
CA CYS A 31 -2.76 -9.46 10.12
C CYS A 31 -1.60 -8.67 10.74
N TRP A 32 -1.94 -7.54 11.36
CA TRP A 32 -0.94 -6.70 12.00
C TRP A 32 0.38 -6.73 11.23
N ALA A 33 0.28 -6.70 9.91
CA ALA A 33 1.47 -6.72 9.05
C ALA A 33 1.95 -5.30 8.75
N LEU A 34 3.17 -5.20 8.21
CA LEU A 34 3.75 -3.91 7.88
C LEU A 34 3.42 -3.52 6.45
N ARG A 35 3.46 -2.22 6.17
CA ARG A 35 3.16 -1.71 4.83
C ARG A 35 4.30 -2.03 3.86
N LYS A 36 5.52 -2.00 4.37
CA LYS A 36 6.70 -2.28 3.54
C LYS A 36 6.78 -1.31 2.37
N ASP A 37 6.59 -0.03 2.65
CA ASP A 37 6.64 0.98 1.60
C ASP A 37 8.08 1.35 1.27
N TRP A 38 8.47 1.15 0.01
CA TRP A 38 9.82 1.45 -0.43
C TRP A 38 10.21 2.88 -0.07
N TYR A 39 11.37 3.03 0.55
CA TYR A 39 11.85 4.35 0.95
C TYR A 39 13.38 4.38 1.00
N SER A 40 13.93 5.56 1.25
CA SER A 40 15.39 5.72 1.32
C SER A 40 16.00 4.73 2.30
N ASP A 41 16.81 3.81 1.77
CA ASP A 41 17.46 2.80 2.61
C ASP A 41 18.95 3.11 2.75
N CYS A 42 19.59 3.46 1.64
CA CYS A 42 21.02 3.77 1.64
C CYS A 42 21.27 5.19 1.15
N SER A 43 20.43 6.12 1.58
CA SER A 43 20.56 7.51 1.18
C SER A 43 22.02 7.91 1.06
N LYS A 44 22.35 8.65 0.00
CA LYS A 44 23.71 9.10 -0.24
C LYS A 44 24.19 10.01 0.90
N LEU A 45 23.26 10.76 1.47
CA LEU A 45 23.58 11.68 2.57
C LEU A 45 24.19 10.92 3.75
N THR A 46 24.94 11.64 4.57
CA THR A 46 25.57 11.04 5.74
C THR A 46 26.26 9.73 5.38
N HIS A 47 27.09 9.77 4.34
CA HIS A 47 27.81 8.58 3.88
C HIS A 47 29.06 8.35 4.73
N SER A 48 28.87 7.69 5.87
CA SER A 48 29.99 7.41 6.78
C SER A 48 29.53 6.52 7.94
N GLY A 49 30.44 5.70 8.44
CA GLY A 49 30.11 4.82 9.54
C GLY A 49 30.47 5.41 10.89
N PRO A 50 30.66 4.54 11.90
CA PRO A 50 31.00 4.97 13.26
C PRO A 50 32.41 5.53 13.35
N SER A 51 32.52 6.77 13.81
CA SER A 51 33.82 7.42 13.95
C SER A 51 34.19 7.61 15.42
N SER A 52 34.88 6.64 15.98
CA SER A 52 35.29 6.70 17.38
C SER A 52 34.20 7.34 18.23
N GLY A 53 32.95 6.98 17.97
CA GLY A 53 31.84 7.52 18.72
C GLY A 53 32.01 7.36 20.21
N GLY A 1 -24.54 14.85 -8.99
CA GLY A 1 -25.81 14.15 -9.06
C GLY A 1 -26.19 13.78 -10.48
N SER A 2 -26.94 12.69 -10.62
CA SER A 2 -27.36 12.22 -11.94
C SER A 2 -26.16 11.76 -12.77
N SER A 3 -25.24 11.05 -12.12
CA SER A 3 -24.05 10.56 -12.79
C SER A 3 -23.48 9.33 -12.08
N GLY A 4 -22.62 8.59 -12.77
CA GLY A 4 -22.03 7.41 -12.19
C GLY A 4 -20.65 7.66 -11.60
N SER A 5 -20.62 8.28 -10.43
CA SER A 5 -19.37 8.60 -9.76
C SER A 5 -19.39 8.15 -8.30
N SER A 6 -19.93 6.96 -8.07
CA SER A 6 -20.03 6.42 -6.71
C SER A 6 -19.11 5.21 -6.56
N GLY A 7 -18.11 5.34 -5.69
CA GLY A 7 -17.18 4.25 -5.46
C GLY A 7 -16.66 4.24 -4.04
N SER A 8 -15.33 4.31 -3.89
CA SER A 8 -14.70 4.29 -2.58
C SER A 8 -13.22 4.62 -2.69
N GLU A 9 -12.72 5.41 -1.74
CA GLU A 9 -11.32 5.80 -1.73
C GLU A 9 -10.43 4.65 -2.19
N ASP A 10 -9.27 4.99 -2.73
CA ASP A 10 -8.32 3.98 -3.22
C ASP A 10 -7.59 3.32 -2.05
N GLU A 11 -7.99 2.11 -1.72
CA GLU A 11 -7.36 1.36 -0.63
C GLU A 11 -6.13 0.60 -1.11
N TRP A 12 -5.34 0.11 -0.17
CA TRP A 12 -4.14 -0.64 -0.50
C TRP A 12 -4.30 -2.12 -0.16
N GLN A 13 -4.02 -2.98 -1.13
CA GLN A 13 -4.14 -4.42 -0.92
C GLN A 13 -3.06 -4.93 0.02
N CYS A 14 -3.32 -6.06 0.67
CA CYS A 14 -2.37 -6.65 1.60
C CYS A 14 -1.55 -7.72 0.92
N THR A 15 -0.45 -8.12 1.56
CA THR A 15 0.44 -9.14 1.00
C THR A 15 0.23 -10.47 1.71
N GLU A 16 -0.20 -10.42 2.97
CA GLU A 16 -0.43 -11.63 3.75
C GLU A 16 -1.86 -12.13 3.56
N CYS A 17 -2.82 -11.37 4.06
CA CYS A 17 -4.23 -11.73 3.94
C CYS A 17 -4.89 -11.02 2.77
N LYS A 18 -4.07 -10.35 1.96
CA LYS A 18 -4.57 -9.62 0.80
C LYS A 18 -5.87 -8.89 1.13
N LYS A 19 -6.05 -8.56 2.40
CA LYS A 19 -7.25 -7.86 2.85
C LYS A 19 -7.14 -6.37 2.56
N PHE A 20 -8.14 -5.83 1.86
CA PHE A 20 -8.17 -4.41 1.53
C PHE A 20 -8.30 -3.56 2.78
N ASN A 21 -7.26 -2.78 3.07
CA ASN A 21 -7.26 -1.91 4.24
C ASN A 21 -7.43 -0.44 3.84
N SER A 22 -7.85 0.38 4.79
CA SER A 22 -8.06 1.80 4.53
C SER A 22 -6.78 2.45 4.02
N PRO A 23 -6.95 3.48 3.17
CA PRO A 23 -5.82 4.22 2.59
C PRO A 23 -5.06 5.05 3.63
N SER A 24 -5.44 4.90 4.89
CA SER A 24 -4.81 5.64 5.97
C SER A 24 -3.92 4.72 6.80
N LYS A 25 -4.51 3.65 7.32
CA LYS A 25 -3.77 2.68 8.13
C LYS A 25 -2.47 2.26 7.44
N ARG A 26 -1.38 2.24 8.18
CA ARG A 26 -0.08 1.85 7.63
C ARG A 26 0.07 0.33 7.63
N TYR A 27 -0.24 -0.29 8.76
CA TYR A 27 -0.14 -1.74 8.89
C TYR A 27 -1.51 -2.40 8.85
N CYS A 28 -1.54 -3.68 8.51
CA CYS A 28 -2.78 -4.43 8.42
C CYS A 28 -3.35 -4.70 9.81
N PHE A 29 -4.56 -4.19 10.06
CA PHE A 29 -5.21 -4.39 11.35
C PHE A 29 -5.91 -5.73 11.42
N ARG A 30 -5.41 -6.70 10.65
CA ARG A 30 -5.98 -8.03 10.61
C ARG A 30 -4.90 -9.10 10.72
N CYS A 31 -3.73 -8.80 10.15
CA CYS A 31 -2.62 -9.74 10.18
C CYS A 31 -1.31 -9.03 10.55
N TRP A 32 -1.45 -7.90 11.26
CA TRP A 32 -0.29 -7.13 11.67
C TRP A 32 0.79 -7.12 10.58
N ALA A 33 0.37 -6.84 9.36
CA ALA A 33 1.29 -6.81 8.23
C ALA A 33 1.65 -5.37 7.87
N LEU A 34 2.70 -4.85 8.48
CA LEU A 34 3.15 -3.49 8.22
C LEU A 34 3.69 -3.36 6.80
N ARG A 35 2.92 -2.72 5.94
CA ARG A 35 3.31 -2.52 4.55
C ARG A 35 4.79 -2.14 4.46
N LYS A 36 5.53 -2.85 3.61
CA LYS A 36 6.95 -2.59 3.43
C LYS A 36 7.28 -2.39 1.95
N ASP A 37 8.35 -1.65 1.69
CA ASP A 37 8.77 -1.38 0.31
C ASP A 37 8.51 -2.58 -0.58
N TRP A 38 7.72 -2.38 -1.62
CA TRP A 38 7.39 -3.45 -2.56
C TRP A 38 7.26 -2.91 -3.98
N TYR A 39 7.79 -3.66 -4.94
CA TYR A 39 7.73 -3.26 -6.34
C TYR A 39 6.55 -3.91 -7.05
N SER A 40 6.04 -3.24 -8.09
CA SER A 40 4.91 -3.75 -8.84
C SER A 40 3.67 -3.87 -7.96
N ASP A 41 3.44 -2.85 -7.13
CA ASP A 41 2.29 -2.84 -6.24
C ASP A 41 1.30 -1.75 -6.64
N CYS A 42 0.15 -2.17 -7.18
CA CYS A 42 -0.87 -1.23 -7.61
C CYS A 42 -0.38 -0.38 -8.78
N SER A 43 0.33 -1.01 -9.72
CA SER A 43 0.85 -0.31 -10.87
C SER A 43 0.22 -0.83 -12.15
N LYS A 44 0.33 -2.12 -12.39
CA LYS A 44 -0.23 -2.74 -13.58
C LYS A 44 -1.29 -3.78 -13.21
N LEU A 45 -2.32 -3.89 -14.03
CA LEU A 45 -3.40 -4.85 -13.78
C LEU A 45 -3.31 -6.03 -14.74
N THR A 46 -2.90 -7.19 -14.21
CA THR A 46 -2.78 -8.39 -15.02
C THR A 46 -4.14 -8.94 -15.41
N HIS A 47 -4.38 -9.06 -16.71
CA HIS A 47 -5.64 -9.57 -17.23
C HIS A 47 -5.47 -10.98 -17.79
N SER A 48 -5.68 -11.99 -16.94
CA SER A 48 -5.54 -13.37 -17.35
C SER A 48 -6.61 -14.24 -16.69
N GLY A 49 -7.37 -14.96 -17.51
CA GLY A 49 -8.42 -15.82 -16.99
C GLY A 49 -9.66 -15.81 -17.86
N PRO A 50 -10.45 -16.89 -17.79
CA PRO A 50 -11.68 -17.03 -18.57
C PRO A 50 -12.78 -16.09 -18.09
N SER A 51 -13.33 -15.31 -19.03
CA SER A 51 -14.39 -14.36 -18.70
C SER A 51 -15.77 -14.97 -18.95
N SER A 52 -16.23 -15.77 -18.00
CA SER A 52 -17.54 -16.42 -18.12
C SER A 52 -18.47 -15.97 -17.00
N GLY A 53 -18.00 -16.10 -15.76
CA GLY A 53 -18.80 -15.71 -14.62
C GLY A 53 -19.75 -16.81 -14.17
N GLY A 1 -5.16 -9.24 -23.50
CA GLY A 1 -6.54 -9.12 -23.05
C GLY A 1 -6.74 -7.96 -22.11
N SER A 2 -7.34 -6.88 -22.61
CA SER A 2 -7.59 -5.69 -21.80
C SER A 2 -9.08 -5.42 -21.67
N SER A 3 -9.70 -6.04 -20.65
CA SER A 3 -11.13 -5.87 -20.42
C SER A 3 -11.39 -4.68 -19.49
N GLY A 4 -10.55 -4.54 -18.47
CA GLY A 4 -10.71 -3.44 -17.54
C GLY A 4 -11.09 -3.92 -16.14
N SER A 5 -10.45 -5.00 -15.70
CA SER A 5 -10.73 -5.56 -14.39
C SER A 5 -9.87 -4.90 -13.31
N SER A 6 -10.12 -5.25 -12.06
CA SER A 6 -9.36 -4.68 -10.94
C SER A 6 -9.72 -3.22 -10.73
N GLY A 7 -11.00 -2.91 -10.80
CA GLY A 7 -11.45 -1.54 -10.62
C GLY A 7 -10.64 -0.79 -9.57
N SER A 8 -10.16 0.39 -9.94
CA SER A 8 -9.36 1.20 -9.02
C SER A 8 -10.10 1.44 -7.72
N GLU A 9 -9.35 1.47 -6.62
CA GLU A 9 -9.94 1.70 -5.30
C GLU A 9 -9.02 2.57 -4.44
N ASP A 10 -9.63 3.35 -3.55
CA ASP A 10 -8.87 4.23 -2.67
C ASP A 10 -8.37 3.47 -1.45
N GLU A 11 -7.85 2.26 -1.69
CA GLU A 11 -7.33 1.43 -0.61
C GLU A 11 -6.10 0.64 -1.06
N TRP A 12 -5.36 0.11 -0.11
CA TRP A 12 -4.17 -0.67 -0.41
C TRP A 12 -4.37 -2.14 -0.08
N GLN A 13 -4.02 -3.01 -1.02
CA GLN A 13 -4.17 -4.45 -0.83
C GLN A 13 -3.07 -4.99 0.06
N CYS A 14 -3.33 -6.15 0.68
CA CYS A 14 -2.35 -6.77 1.57
C CYS A 14 -1.60 -7.88 0.84
N THR A 15 -0.50 -8.33 1.43
CA THR A 15 0.31 -9.38 0.84
C THR A 15 0.19 -10.68 1.64
N GLU A 16 -0.21 -10.57 2.91
CA GLU A 16 -0.37 -11.72 3.77
C GLU A 16 -1.78 -12.27 3.68
N CYS A 17 -2.76 -11.44 4.01
CA CYS A 17 -4.16 -11.83 3.97
C CYS A 17 -4.86 -11.23 2.76
N LYS A 18 -4.09 -10.63 1.86
CA LYS A 18 -4.64 -10.02 0.66
C LYS A 18 -5.94 -9.29 0.98
N LYS A 19 -6.08 -8.84 2.21
CA LYS A 19 -7.27 -8.12 2.64
C LYS A 19 -7.06 -6.61 2.55
N PHE A 20 -7.88 -5.94 1.75
CA PHE A 20 -7.77 -4.50 1.58
C PHE A 20 -7.89 -3.79 2.93
N ASN A 21 -7.34 -2.57 3.00
CA ASN A 21 -7.37 -1.79 4.23
C ASN A 21 -7.50 -0.30 3.92
N SER A 22 -7.74 0.50 4.96
CA SER A 22 -7.88 1.94 4.80
C SER A 22 -6.56 2.56 4.33
N PRO A 23 -6.67 3.56 3.44
CA PRO A 23 -5.51 4.27 2.89
C PRO A 23 -4.82 5.13 3.94
N SER A 24 -5.43 5.24 5.12
CA SER A 24 -4.87 6.04 6.20
C SER A 24 -3.89 5.23 7.02
N LYS A 25 -4.26 3.99 7.33
CA LYS A 25 -3.41 3.11 8.11
C LYS A 25 -2.34 2.46 7.24
N ARG A 26 -1.26 2.02 7.88
CA ARG A 26 -0.16 1.38 7.16
C ARG A 26 -0.10 -0.11 7.47
N TYR A 27 -0.16 -0.44 8.76
CA TYR A 27 -0.10 -1.82 9.20
C TYR A 27 -1.48 -2.48 9.11
N CYS A 28 -1.56 -3.58 8.38
CA CYS A 28 -2.82 -4.31 8.23
C CYS A 28 -3.49 -4.54 9.57
N PHE A 29 -4.73 -4.09 9.70
CA PHE A 29 -5.48 -4.25 10.95
C PHE A 29 -6.14 -5.62 11.00
N ARG A 30 -5.55 -6.60 10.33
CA ARG A 30 -6.08 -7.95 10.29
C ARG A 30 -4.98 -8.99 10.51
N CYS A 31 -3.80 -8.69 9.99
CA CYS A 31 -2.66 -9.59 10.14
C CYS A 31 -1.39 -8.82 10.52
N TRP A 32 -1.59 -7.67 11.16
CA TRP A 32 -0.47 -6.84 11.59
C TRP A 32 0.69 -6.92 10.59
N ALA A 33 0.37 -6.75 9.32
CA ALA A 33 1.38 -6.80 8.26
C ALA A 33 1.86 -5.39 7.89
N LEU A 34 2.80 -4.87 8.66
CA LEU A 34 3.35 -3.53 8.41
C LEU A 34 3.60 -3.33 6.91
N ARG A 35 3.60 -2.07 6.49
CA ARG A 35 3.83 -1.74 5.10
C ARG A 35 5.22 -2.18 4.65
N LYS A 36 5.46 -2.16 3.35
CA LYS A 36 6.74 -2.56 2.79
C LYS A 36 7.64 -1.34 2.55
N ASP A 37 8.90 -1.44 2.98
CA ASP A 37 9.85 -0.36 2.80
C ASP A 37 11.26 -0.90 2.59
N TRP A 38 12.19 -0.01 2.24
CA TRP A 38 13.57 -0.41 2.01
C TRP A 38 14.42 -0.13 3.24
N TYR A 39 15.70 -0.52 3.18
CA TYR A 39 16.61 -0.31 4.29
C TYR A 39 18.01 0.03 3.78
N SER A 40 18.38 1.30 3.91
CA SER A 40 19.68 1.77 3.47
C SER A 40 19.97 3.18 3.98
N ASP A 41 21.17 3.68 3.70
CA ASP A 41 21.56 5.02 4.14
C ASP A 41 21.06 5.30 5.54
N CYS A 42 21.18 4.30 6.42
CA CYS A 42 20.74 4.44 7.80
C CYS A 42 21.32 5.71 8.43
N SER A 43 20.45 6.54 8.99
CA SER A 43 20.86 7.79 9.61
C SER A 43 21.04 7.60 11.11
N LYS A 44 21.48 8.66 11.78
CA LYS A 44 21.70 8.62 13.23
C LYS A 44 20.39 8.83 13.98
N LEU A 45 19.71 7.72 14.29
CA LEU A 45 18.44 7.79 15.01
C LEU A 45 18.48 6.92 16.26
N THR A 46 19.12 5.76 16.15
CA THR A 46 19.23 4.84 17.27
C THR A 46 20.69 4.62 17.66
N HIS A 47 20.91 4.28 18.93
CA HIS A 47 22.27 4.05 19.43
C HIS A 47 22.96 2.96 18.62
N SER A 48 23.97 3.36 17.86
CA SER A 48 24.72 2.41 17.03
C SER A 48 25.63 1.53 17.88
N GLY A 49 25.87 0.31 17.43
CA GLY A 49 26.72 -0.61 18.16
C GLY A 49 27.37 -1.63 17.27
N PRO A 50 28.47 -2.25 17.76
CA PRO A 50 29.20 -3.27 17.02
C PRO A 50 28.42 -4.56 16.86
N SER A 51 27.93 -4.81 15.65
CA SER A 51 27.16 -6.02 15.38
C SER A 51 27.55 -6.62 14.03
N SER A 52 27.07 -7.83 13.77
CA SER A 52 27.37 -8.52 12.52
C SER A 52 26.27 -8.29 11.49
N GLY A 53 26.46 -7.29 10.63
CA GLY A 53 25.48 -6.98 9.61
C GLY A 53 25.49 -5.52 9.20
N GLY A 1 -20.23 12.25 -9.80
CA GLY A 1 -18.90 11.99 -9.29
C GLY A 1 -18.67 12.61 -7.92
N SER A 2 -18.69 13.93 -7.86
CA SER A 2 -18.48 14.64 -6.59
C SER A 2 -19.82 15.06 -5.98
N SER A 3 -20.80 14.16 -6.04
CA SER A 3 -22.12 14.44 -5.49
C SER A 3 -22.38 13.59 -4.24
N GLY A 4 -22.81 14.25 -3.17
CA GLY A 4 -23.09 13.55 -1.93
C GLY A 4 -21.84 12.95 -1.32
N SER A 5 -21.80 11.62 -1.27
CA SER A 5 -20.66 10.91 -0.69
C SER A 5 -19.86 10.19 -1.78
N SER A 6 -18.54 10.25 -1.67
CA SER A 6 -17.65 9.62 -2.64
C SER A 6 -18.15 8.21 -2.98
N GLY A 7 -18.36 7.40 -1.94
CA GLY A 7 -18.82 6.04 -2.15
C GLY A 7 -17.68 5.06 -2.36
N SER A 8 -16.74 5.43 -3.21
CA SER A 8 -15.59 4.58 -3.50
C SER A 8 -14.30 5.18 -2.95
N GLU A 9 -13.66 4.45 -2.03
CA GLU A 9 -12.42 4.92 -1.42
C GLU A 9 -11.25 4.06 -1.86
N ASP A 10 -10.12 4.70 -2.14
CA ASP A 10 -8.92 3.98 -2.56
C ASP A 10 -8.26 3.27 -1.38
N GLU A 11 -8.24 1.94 -1.45
CA GLU A 11 -7.63 1.15 -0.38
C GLU A 11 -6.41 0.39 -0.89
N TRP A 12 -5.55 -0.02 0.03
CA TRP A 12 -4.34 -0.75 -0.32
C TRP A 12 -4.48 -2.23 0.03
N GLN A 13 -4.10 -3.09 -0.92
CA GLN A 13 -4.18 -4.54 -0.71
C GLN A 13 -3.00 -5.04 0.12
N CYS A 14 -3.21 -6.14 0.83
CA CYS A 14 -2.18 -6.72 1.66
C CYS A 14 -1.44 -7.83 0.92
N THR A 15 -0.32 -8.29 1.51
CA THR A 15 0.47 -9.35 0.91
C THR A 15 0.35 -10.64 1.68
N GLU A 16 0.14 -10.53 2.98
CA GLU A 16 0.00 -11.70 3.85
C GLU A 16 -1.42 -12.25 3.80
N CYS A 17 -2.38 -11.44 4.24
CA CYS A 17 -3.78 -11.85 4.24
C CYS A 17 -4.45 -11.47 2.93
N LYS A 18 -3.85 -10.54 2.20
CA LYS A 18 -4.39 -10.09 0.93
C LYS A 18 -5.78 -9.50 1.10
N LYS A 19 -5.92 -8.58 2.05
CA LYS A 19 -7.20 -7.94 2.31
C LYS A 19 -7.06 -6.41 2.32
N PHE A 20 -7.73 -5.76 1.38
CA PHE A 20 -7.68 -4.31 1.28
C PHE A 20 -7.87 -3.65 2.65
N ASN A 21 -7.24 -2.50 2.84
CA ASN A 21 -7.33 -1.78 4.11
C ASN A 21 -7.38 -0.28 3.88
N SER A 22 -7.69 0.47 4.93
CA SER A 22 -7.77 1.92 4.84
C SER A 22 -6.46 2.50 4.29
N PRO A 23 -6.58 3.49 3.40
CA PRO A 23 -5.43 4.15 2.79
C PRO A 23 -4.66 5.01 3.78
N SER A 24 -5.09 5.00 5.04
CA SER A 24 -4.44 5.78 6.07
C SER A 24 -3.57 4.88 6.96
N LYS A 25 -4.18 3.85 7.53
CA LYS A 25 -3.46 2.91 8.39
C LYS A 25 -2.29 2.28 7.65
N ARG A 26 -1.10 2.40 8.21
CA ARG A 26 0.10 1.82 7.61
C ARG A 26 0.09 0.30 7.71
N TYR A 27 -0.16 -0.21 8.92
CA TYR A 27 -0.19 -1.64 9.15
C TYR A 27 -1.55 -2.22 8.78
N CYS A 28 -1.65 -3.55 8.78
CA CYS A 28 -2.90 -4.23 8.44
C CYS A 28 -3.73 -4.48 9.69
N PHE A 29 -4.99 -4.06 9.66
CA PHE A 29 -5.89 -4.24 10.78
C PHE A 29 -6.48 -5.64 10.80
N ARG A 30 -5.83 -6.55 10.08
CA ARG A 30 -6.29 -7.93 10.00
C ARG A 30 -5.16 -8.90 10.34
N CYS A 31 -3.95 -8.56 9.91
CA CYS A 31 -2.78 -9.40 10.15
C CYS A 31 -1.60 -8.56 10.62
N TRP A 32 -1.89 -7.42 11.24
CA TRP A 32 -0.85 -6.52 11.73
C TRP A 32 0.39 -6.60 10.84
N ALA A 33 0.17 -6.70 9.54
CA ALA A 33 1.28 -6.78 8.59
C ALA A 33 1.85 -5.39 8.30
N LEU A 34 2.80 -5.33 7.37
CA LEU A 34 3.42 -4.07 7.00
C LEU A 34 3.18 -3.74 5.53
N ARG A 35 3.28 -2.46 5.19
CA ARG A 35 3.07 -2.01 3.82
C ARG A 35 4.32 -2.23 2.98
N LYS A 36 4.94 -3.39 3.14
CA LYS A 36 6.16 -3.72 2.40
C LYS A 36 5.88 -4.78 1.34
N ASP A 37 5.82 -4.37 0.08
CA ASP A 37 5.56 -5.28 -1.02
C ASP A 37 6.79 -5.41 -1.92
N TRP A 38 7.96 -5.49 -1.30
CA TRP A 38 9.21 -5.62 -2.04
C TRP A 38 9.18 -6.84 -2.95
N TYR A 39 9.16 -6.59 -4.26
CA TYR A 39 9.14 -7.68 -5.23
C TYR A 39 10.54 -8.17 -5.54
N SER A 40 10.80 -9.44 -5.19
CA SER A 40 12.10 -10.04 -5.42
C SER A 40 12.13 -10.82 -6.74
N ASP A 41 12.61 -10.17 -7.79
CA ASP A 41 12.68 -10.80 -9.10
C ASP A 41 14.00 -11.54 -9.28
N CYS A 42 14.03 -12.81 -8.87
CA CYS A 42 15.22 -13.62 -8.97
C CYS A 42 14.88 -15.11 -8.96
N SER A 43 15.79 -15.93 -9.47
CA SER A 43 15.56 -17.37 -9.51
C SER A 43 15.63 -17.98 -8.11
N LYS A 44 16.66 -17.59 -7.35
CA LYS A 44 16.84 -18.09 -6.00
C LYS A 44 16.81 -19.61 -5.97
N LEU A 45 17.46 -20.23 -6.95
CA LEU A 45 17.51 -21.69 -7.04
C LEU A 45 18.76 -22.23 -6.34
N THR A 46 19.92 -21.76 -6.77
CA THR A 46 21.18 -22.20 -6.18
C THR A 46 22.28 -21.16 -6.40
N HIS A 47 23.13 -20.98 -5.39
CA HIS A 47 24.23 -20.02 -5.47
C HIS A 47 25.20 -20.40 -6.57
N SER A 48 25.13 -19.71 -7.71
CA SER A 48 26.01 -19.98 -8.83
C SER A 48 26.94 -18.80 -9.10
N GLY A 49 26.33 -17.64 -9.36
CA GLY A 49 27.11 -16.44 -9.64
C GLY A 49 26.91 -15.93 -11.05
N PRO A 50 25.97 -15.00 -11.21
CA PRO A 50 25.67 -14.40 -12.52
C PRO A 50 26.80 -13.52 -13.03
N SER A 51 26.86 -13.35 -14.36
CA SER A 51 27.90 -12.53 -14.96
C SER A 51 27.29 -11.26 -15.55
N SER A 52 26.17 -11.40 -16.25
CA SER A 52 25.50 -10.26 -16.87
C SER A 52 24.04 -10.20 -16.44
N GLY A 53 23.72 -9.25 -15.56
CA GLY A 53 22.37 -9.09 -15.09
C GLY A 53 22.01 -10.11 -14.02
N GLY A 1 -35.08 6.54 -9.67
CA GLY A 1 -34.02 6.29 -8.69
C GLY A 1 -32.85 7.24 -8.86
N SER A 2 -31.96 7.25 -7.88
CA SER A 2 -30.79 8.12 -7.91
C SER A 2 -29.51 7.32 -7.75
N SER A 3 -28.43 7.80 -8.37
CA SER A 3 -27.15 7.13 -8.31
C SER A 3 -26.33 7.61 -7.11
N GLY A 4 -26.12 6.71 -6.14
CA GLY A 4 -25.37 7.07 -4.96
C GLY A 4 -23.96 7.52 -5.28
N SER A 5 -23.10 7.55 -4.26
CA SER A 5 -21.72 7.98 -4.44
C SER A 5 -20.76 6.82 -4.20
N SER A 6 -21.13 5.65 -4.71
CA SER A 6 -20.29 4.46 -4.54
C SER A 6 -19.73 4.00 -5.89
N GLY A 7 -18.40 4.00 -5.99
CA GLY A 7 -17.76 3.58 -7.22
C GLY A 7 -16.53 2.73 -6.97
N SER A 8 -15.39 3.39 -6.75
CA SER A 8 -14.14 2.69 -6.50
C SER A 8 -13.31 3.41 -5.44
N GLU A 9 -13.08 2.75 -4.31
CA GLU A 9 -12.31 3.33 -3.23
C GLU A 9 -10.83 3.00 -3.38
N ASP A 10 -9.99 4.00 -3.15
CA ASP A 10 -8.54 3.82 -3.26
C ASP A 10 -7.97 3.16 -2.00
N GLU A 11 -7.94 1.84 -1.99
CA GLU A 11 -7.42 1.10 -0.83
C GLU A 11 -6.22 0.24 -1.24
N TRP A 12 -5.30 0.05 -0.30
CA TRP A 12 -4.11 -0.74 -0.55
C TRP A 12 -4.31 -2.19 -0.09
N GLN A 13 -4.12 -3.13 -1.02
CA GLN A 13 -4.27 -4.54 -0.71
C GLN A 13 -3.11 -5.05 0.14
N CYS A 14 -3.33 -6.16 0.84
CA CYS A 14 -2.29 -6.75 1.68
C CYS A 14 -1.67 -7.96 1.00
N THR A 15 -0.33 -8.03 1.03
CA THR A 15 0.39 -9.13 0.41
C THR A 15 0.62 -10.25 1.41
N GLU A 16 -0.24 -10.34 2.41
CA GLU A 16 -0.12 -11.37 3.44
C GLU A 16 -1.45 -12.10 3.62
N CYS A 17 -2.52 -11.35 3.83
CA CYS A 17 -3.84 -11.92 4.02
C CYS A 17 -4.76 -11.59 2.85
N LYS A 18 -4.34 -10.63 2.03
CA LYS A 18 -5.11 -10.21 0.87
C LYS A 18 -6.42 -9.55 1.31
N LYS A 19 -6.32 -8.66 2.29
CA LYS A 19 -7.49 -7.96 2.79
C LYS A 19 -7.35 -6.44 2.59
N PHE A 20 -8.32 -5.86 1.87
CA PHE A 20 -8.30 -4.43 1.61
C PHE A 20 -8.23 -3.63 2.91
N ASN A 21 -7.33 -2.65 2.95
CA ASN A 21 -7.15 -1.82 4.13
C ASN A 21 -7.27 -0.34 3.77
N SER A 22 -7.56 0.49 4.77
CA SER A 22 -7.69 1.93 4.56
C SER A 22 -6.33 2.56 4.30
N PRO A 23 -6.32 3.56 3.40
CA PRO A 23 -5.09 4.28 3.03
C PRO A 23 -4.57 5.16 4.17
N SER A 24 -5.36 5.27 5.23
CA SER A 24 -4.98 6.09 6.38
C SER A 24 -4.06 5.31 7.32
N LYS A 25 -4.42 4.05 7.58
CA LYS A 25 -3.62 3.19 8.45
C LYS A 25 -2.32 2.78 7.77
N ARG A 26 -1.37 2.31 8.57
CA ARG A 26 -0.08 1.89 8.05
C ARG A 26 0.03 0.36 8.05
N TYR A 27 -0.29 -0.25 9.19
CA TYR A 27 -0.22 -1.70 9.33
C TYR A 27 -1.58 -2.33 9.07
N CYS A 28 -1.58 -3.61 8.71
CA CYS A 28 -2.81 -4.33 8.42
C CYS A 28 -3.59 -4.60 9.72
N PHE A 29 -4.85 -4.18 9.74
CA PHE A 29 -5.70 -4.36 10.91
C PHE A 29 -6.32 -5.76 10.90
N ARG A 30 -5.64 -6.70 10.24
CA ARG A 30 -6.13 -8.07 10.17
C ARG A 30 -5.01 -9.06 10.43
N CYS A 31 -3.80 -8.72 10.00
CA CYS A 31 -2.64 -9.58 10.18
C CYS A 31 -1.43 -8.77 10.66
N TRP A 32 -1.71 -7.64 11.32
CA TRP A 32 -0.65 -6.78 11.83
C TRP A 32 0.57 -6.80 10.90
N ALA A 33 0.31 -6.63 9.60
CA ALA A 33 1.38 -6.61 8.62
C ALA A 33 1.99 -5.23 8.47
N LEU A 34 3.18 -5.16 7.90
CA LEU A 34 3.88 -3.89 7.70
C LEU A 34 4.07 -3.60 6.21
N ARG A 35 3.59 -2.44 5.77
CA ARG A 35 3.72 -2.05 4.37
C ARG A 35 5.02 -2.57 3.77
N LYS A 36 4.94 -3.64 3.01
CA LYS A 36 6.12 -4.23 2.38
C LYS A 36 6.30 -3.68 0.96
N ASP A 37 7.02 -2.57 0.86
CA ASP A 37 7.29 -1.94 -0.43
C ASP A 37 8.03 -2.89 -1.35
N TRP A 38 7.79 -2.78 -2.65
CA TRP A 38 8.44 -3.63 -3.63
C TRP A 38 9.17 -2.79 -4.68
N TYR A 39 10.46 -3.06 -4.84
CA TYR A 39 11.27 -2.33 -5.81
C TYR A 39 10.92 -2.73 -7.24
N SER A 40 10.43 -1.76 -8.01
CA SER A 40 10.05 -2.01 -9.40
C SER A 40 11.20 -1.68 -10.34
N ASP A 41 11.85 -0.54 -10.10
CA ASP A 41 12.97 -0.11 -10.93
C ASP A 41 14.29 -0.21 -10.17
N CYS A 42 15.39 -0.19 -10.89
CA CYS A 42 16.72 -0.28 -10.29
C CYS A 42 17.34 1.10 -10.16
N SER A 43 17.03 1.80 -9.07
CA SER A 43 17.56 3.14 -8.84
C SER A 43 18.85 3.07 -8.02
N LYS A 44 19.98 3.26 -8.70
CA LYS A 44 21.28 3.23 -8.05
C LYS A 44 21.43 4.39 -7.07
N LEU A 45 22.56 4.43 -6.36
CA LEU A 45 22.83 5.49 -5.40
C LEU A 45 24.30 5.53 -5.02
N THR A 46 24.69 6.55 -4.28
CA THR A 46 26.08 6.71 -3.85
C THR A 46 26.18 6.83 -2.34
N HIS A 47 27.39 6.75 -1.82
CA HIS A 47 27.63 6.85 -0.38
C HIS A 47 27.34 8.26 0.11
N SER A 48 26.74 8.35 1.30
CA SER A 48 26.39 9.65 1.88
C SER A 48 27.60 10.58 1.87
N GLY A 49 27.38 11.83 1.44
CA GLY A 49 28.45 12.79 1.39
C GLY A 49 28.37 13.68 0.16
N PRO A 50 29.31 13.51 -0.77
CA PRO A 50 29.37 14.29 -2.00
C PRO A 50 28.23 13.95 -2.95
N SER A 51 27.10 14.64 -2.79
CA SER A 51 25.94 14.41 -3.63
C SER A 51 25.61 15.65 -4.46
N SER A 52 25.31 15.44 -5.74
CA SER A 52 24.99 16.54 -6.63
C SER A 52 24.15 16.05 -7.81
N GLY A 53 23.13 16.82 -8.17
CA GLY A 53 22.27 16.45 -9.27
C GLY A 53 21.41 17.60 -9.75
N GLY A 1 -21.30 16.04 9.62
CA GLY A 1 -20.16 15.36 9.02
C GLY A 1 -19.61 14.26 9.91
N SER A 2 -19.09 13.21 9.29
CA SER A 2 -18.53 12.08 10.03
C SER A 2 -17.06 11.86 9.66
N SER A 3 -16.78 11.89 8.36
CA SER A 3 -15.42 11.70 7.88
C SER A 3 -14.80 13.01 7.44
N GLY A 4 -15.51 13.73 6.57
CA GLY A 4 -15.01 15.00 6.08
C GLY A 4 -14.46 14.91 4.67
N SER A 5 -13.66 13.88 4.42
CA SER A 5 -13.07 13.68 3.11
C SER A 5 -13.87 12.67 2.29
N SER A 6 -13.82 12.80 0.98
CA SER A 6 -14.54 11.90 0.09
C SER A 6 -13.62 10.79 -0.44
N GLY A 7 -14.08 9.55 -0.33
CA GLY A 7 -13.29 8.43 -0.79
C GLY A 7 -14.09 7.46 -1.63
N SER A 8 -13.47 6.94 -2.69
CA SER A 8 -14.14 6.00 -3.58
C SER A 8 -13.73 4.56 -3.26
N GLU A 9 -13.60 4.27 -1.98
CA GLU A 9 -13.21 2.93 -1.54
C GLU A 9 -11.83 2.55 -2.10
N ASP A 10 -10.91 3.51 -2.05
CA ASP A 10 -9.56 3.28 -2.56
C ASP A 10 -8.63 2.82 -1.43
N GLU A 11 -8.57 1.51 -1.23
CA GLU A 11 -7.73 0.94 -0.18
C GLU A 11 -6.56 0.16 -0.78
N TRP A 12 -5.53 -0.07 0.02
CA TRP A 12 -4.35 -0.80 -0.44
C TRP A 12 -4.44 -2.28 -0.05
N GLN A 13 -4.24 -3.16 -1.03
CA GLN A 13 -4.30 -4.59 -0.79
C GLN A 13 -3.13 -5.05 0.07
N CYS A 14 -3.35 -6.08 0.87
CA CYS A 14 -2.31 -6.62 1.74
C CYS A 14 -1.42 -7.59 0.98
N THR A 15 -0.38 -8.09 1.64
CA THR A 15 0.55 -9.03 1.04
C THR A 15 0.55 -10.36 1.76
N GLU A 16 -0.14 -10.41 2.90
CA GLU A 16 -0.22 -11.63 3.70
C GLU A 16 -1.64 -12.19 3.68
N CYS A 17 -2.63 -11.31 3.73
CA CYS A 17 -4.03 -11.72 3.73
C CYS A 17 -4.78 -11.08 2.56
N LYS A 18 -4.03 -10.60 1.57
CA LYS A 18 -4.62 -9.96 0.40
C LYS A 18 -5.89 -9.21 0.78
N LYS A 19 -5.87 -8.58 1.95
CA LYS A 19 -7.02 -7.82 2.43
C LYS A 19 -6.74 -6.32 2.37
N PHE A 20 -7.57 -5.59 1.65
CA PHE A 20 -7.41 -4.15 1.51
C PHE A 20 -7.49 -3.47 2.89
N ASN A 21 -6.90 -2.28 2.99
CA ASN A 21 -6.90 -1.53 4.24
C ASN A 21 -6.92 -0.04 3.96
N SER A 22 -7.50 0.73 4.89
CA SER A 22 -7.58 2.18 4.76
C SER A 22 -6.33 2.73 4.10
N PRO A 23 -6.52 3.70 3.19
CA PRO A 23 -5.41 4.34 2.48
C PRO A 23 -4.57 5.23 3.39
N SER A 24 -4.90 5.23 4.68
CA SER A 24 -4.18 6.04 5.65
C SER A 24 -3.25 5.17 6.50
N LYS A 25 -3.84 4.22 7.22
CA LYS A 25 -3.08 3.32 8.08
C LYS A 25 -2.11 2.48 7.25
N ARG A 26 -1.13 1.88 7.92
CA ARG A 26 -0.14 1.06 7.26
C ARG A 26 -0.18 -0.38 7.76
N TYR A 27 -0.34 -0.53 9.08
CA TYR A 27 -0.40 -1.85 9.70
C TYR A 27 -1.76 -2.50 9.48
N CYS A 28 -1.78 -3.57 8.70
CA CYS A 28 -3.02 -4.28 8.41
C CYS A 28 -3.78 -4.59 9.70
N PHE A 29 -5.06 -4.24 9.72
CA PHE A 29 -5.90 -4.49 10.89
C PHE A 29 -6.48 -5.89 10.86
N ARG A 30 -5.80 -6.80 10.18
CA ARG A 30 -6.24 -8.18 10.07
C ARG A 30 -5.11 -9.15 10.40
N CYS A 31 -3.92 -8.85 9.88
CA CYS A 31 -2.75 -9.69 10.11
C CYS A 31 -1.58 -8.87 10.64
N TRP A 32 -1.89 -7.73 11.25
CA TRP A 32 -0.86 -6.86 11.79
C TRP A 32 0.42 -6.93 10.97
N ALA A 33 0.28 -6.75 9.65
CA ALA A 33 1.42 -6.79 8.75
C ALA A 33 1.76 -5.39 8.23
N LEU A 34 3.02 -5.02 8.35
CA LEU A 34 3.48 -3.71 7.90
C LEU A 34 3.31 -3.58 6.38
N ARG A 35 2.71 -2.47 5.95
CA ARG A 35 2.49 -2.22 4.53
C ARG A 35 3.80 -2.25 3.76
N LYS A 36 4.15 -3.41 3.23
CA LYS A 36 5.39 -3.57 2.47
C LYS A 36 5.24 -2.99 1.08
N ASP A 37 6.11 -2.04 0.74
CA ASP A 37 6.08 -1.41 -0.57
C ASP A 37 7.36 -0.60 -0.81
N TRP A 38 7.93 -0.75 -2.00
CA TRP A 38 9.15 -0.03 -2.35
C TRP A 38 8.93 1.47 -2.30
N TYR A 39 9.88 2.18 -1.68
CA TYR A 39 9.79 3.64 -1.56
C TYR A 39 10.99 4.31 -2.23
N SER A 40 10.86 5.62 -2.45
CA SER A 40 11.93 6.39 -3.08
C SER A 40 12.90 6.92 -2.04
N ASP A 41 14.10 6.35 -2.01
CA ASP A 41 15.12 6.77 -1.05
C ASP A 41 15.61 8.18 -1.38
N CYS A 42 15.90 8.96 -0.34
CA CYS A 42 16.37 10.32 -0.51
C CYS A 42 17.88 10.35 -0.73
N SER A 43 18.37 9.43 -1.55
CA SER A 43 19.80 9.34 -1.84
C SER A 43 20.09 9.73 -3.29
N LYS A 44 20.51 10.96 -3.49
CA LYS A 44 20.81 11.46 -4.83
C LYS A 44 21.66 10.45 -5.60
N LEU A 45 22.80 10.07 -5.03
CA LEU A 45 23.70 9.11 -5.66
C LEU A 45 23.21 7.69 -5.42
N THR A 46 22.71 7.06 -6.49
CA THR A 46 22.22 5.70 -6.41
C THR A 46 23.34 4.73 -6.06
N HIS A 47 23.02 3.74 -5.22
CA HIS A 47 24.01 2.74 -4.81
C HIS A 47 23.74 1.40 -5.49
N SER A 48 24.66 1.00 -6.37
CA SER A 48 24.53 -0.25 -7.09
C SER A 48 25.23 -1.38 -6.34
N GLY A 49 24.44 -2.20 -5.66
CA GLY A 49 25.00 -3.31 -4.90
C GLY A 49 23.93 -4.25 -4.38
N PRO A 50 23.46 -5.17 -5.25
CA PRO A 50 22.44 -6.15 -4.89
C PRO A 50 22.95 -7.20 -3.91
N SER A 51 22.10 -7.59 -2.96
CA SER A 51 22.46 -8.58 -1.97
C SER A 51 22.30 -9.99 -2.52
N SER A 52 23.35 -10.49 -3.16
CA SER A 52 23.32 -11.83 -3.74
C SER A 52 24.73 -12.33 -4.02
N GLY A 53 25.07 -13.49 -3.48
CA GLY A 53 26.39 -14.06 -3.69
C GLY A 53 27.14 -14.27 -2.39
N GLY A 1 -27.89 12.30 -0.91
CA GLY A 1 -26.53 12.83 -0.85
C GLY A 1 -26.28 13.65 0.40
N SER A 2 -26.20 12.98 1.55
CA SER A 2 -25.97 13.65 2.81
C SER A 2 -24.96 12.89 3.66
N SER A 3 -24.18 13.62 4.45
CA SER A 3 -23.17 13.02 5.31
C SER A 3 -22.36 11.97 4.55
N GLY A 4 -22.00 12.29 3.31
CA GLY A 4 -21.24 11.37 2.49
C GLY A 4 -19.74 11.52 2.70
N SER A 5 -19.11 10.46 3.19
CA SER A 5 -17.67 10.47 3.45
C SER A 5 -16.97 9.39 2.64
N SER A 6 -17.37 9.25 1.38
CA SER A 6 -16.78 8.24 0.50
C SER A 6 -15.68 8.85 -0.36
N GLY A 7 -15.98 10.01 -0.96
CA GLY A 7 -15.00 10.68 -1.80
C GLY A 7 -14.26 9.71 -2.70
N SER A 8 -12.95 9.93 -2.83
CA SER A 8 -12.11 9.08 -3.67
C SER A 8 -10.97 8.47 -2.85
N GLU A 9 -11.24 7.33 -2.23
CA GLU A 9 -10.22 6.65 -1.42
C GLU A 9 -9.92 5.28 -1.99
N ASP A 10 -8.70 5.09 -2.49
CA ASP A 10 -8.28 3.82 -3.06
C ASP A 10 -7.58 2.96 -2.00
N GLU A 11 -8.30 1.97 -1.48
CA GLU A 11 -7.75 1.09 -0.46
C GLU A 11 -6.53 0.34 -0.99
N TRP A 12 -5.59 0.04 -0.10
CA TRP A 12 -4.38 -0.67 -0.48
C TRP A 12 -4.49 -2.16 -0.15
N GLN A 13 -4.25 -3.00 -1.16
CA GLN A 13 -4.33 -4.45 -0.97
C GLN A 13 -3.15 -4.94 -0.13
N CYS A 14 -3.39 -6.01 0.63
CA CYS A 14 -2.35 -6.58 1.48
C CYS A 14 -1.66 -7.75 0.77
N THR A 15 -0.51 -8.15 1.31
CA THR A 15 0.25 -9.25 0.73
C THR A 15 0.15 -10.50 1.60
N GLU A 16 0.10 -10.30 2.92
CA GLU A 16 0.01 -11.41 3.86
C GLU A 16 -1.40 -12.02 3.84
N CYS A 17 -2.38 -11.19 4.22
CA CYS A 17 -3.76 -11.64 4.26
C CYS A 17 -4.46 -11.39 2.92
N LYS A 18 -4.05 -10.32 2.25
CA LYS A 18 -4.62 -9.96 0.96
C LYS A 18 -6.06 -9.46 1.13
N LYS A 19 -6.25 -8.53 2.06
CA LYS A 19 -7.57 -7.98 2.32
C LYS A 19 -7.54 -6.45 2.30
N PHE A 20 -8.25 -5.86 1.35
CA PHE A 20 -8.29 -4.41 1.22
C PHE A 20 -8.31 -3.74 2.59
N ASN A 21 -7.34 -2.86 2.83
CA ASN A 21 -7.24 -2.15 4.09
C ASN A 21 -7.49 -0.66 3.91
N SER A 22 -7.49 0.08 5.02
CA SER A 22 -7.73 1.52 4.98
C SER A 22 -6.53 2.25 4.34
N PRO A 23 -6.84 3.24 3.49
CA PRO A 23 -5.81 4.03 2.81
C PRO A 23 -5.04 4.94 3.76
N SER A 24 -5.34 4.82 5.06
CA SER A 24 -4.68 5.64 6.07
C SER A 24 -3.76 4.78 6.93
N LYS A 25 -4.32 3.75 7.56
CA LYS A 25 -3.56 2.86 8.41
C LYS A 25 -2.40 2.24 7.65
N ARG A 26 -1.20 2.31 8.23
CA ARG A 26 -0.01 1.76 7.60
C ARG A 26 0.11 0.26 7.90
N TYR A 27 -0.17 -0.11 9.14
CA TYR A 27 -0.08 -1.51 9.56
C TYR A 27 -1.43 -2.21 9.39
N CYS A 28 -1.43 -3.27 8.59
CA CYS A 28 -2.65 -4.03 8.34
C CYS A 28 -3.38 -4.33 9.64
N PHE A 29 -4.58 -3.79 9.78
CA PHE A 29 -5.38 -3.99 10.98
C PHE A 29 -6.13 -5.33 10.92
N ARG A 30 -5.53 -6.30 10.25
CA ARG A 30 -6.13 -7.62 10.11
C ARG A 30 -5.11 -8.72 10.37
N CYS A 31 -3.93 -8.57 9.79
CA CYS A 31 -2.86 -9.55 9.96
C CYS A 31 -1.60 -8.89 10.52
N TRP A 32 -1.78 -7.77 11.20
CA TRP A 32 -0.66 -7.05 11.79
C TRP A 32 0.58 -7.16 10.90
N ALA A 33 0.43 -6.80 9.63
CA ALA A 33 1.54 -6.86 8.69
C ALA A 33 1.83 -5.48 8.11
N LEU A 34 3.08 -5.05 8.21
CA LEU A 34 3.49 -3.75 7.68
C LEU A 34 3.73 -3.82 6.18
N ARG A 35 3.28 -2.80 5.47
CA ARG A 35 3.45 -2.74 4.03
C ARG A 35 4.92 -2.82 3.65
N LYS A 36 5.35 -4.00 3.20
CA LYS A 36 6.74 -4.21 2.80
C LYS A 36 6.83 -4.59 1.32
N ASP A 37 8.04 -4.54 0.78
CA ASP A 37 8.26 -4.89 -0.62
C ASP A 37 9.67 -5.44 -0.83
N TRP A 38 9.76 -6.55 -1.54
CA TRP A 38 11.05 -7.19 -1.81
C TRP A 38 11.63 -7.78 -0.54
N TYR A 39 10.79 -8.39 0.28
CA TYR A 39 11.21 -9.01 1.52
C TYR A 39 12.06 -10.25 1.26
N SER A 40 13.04 -10.49 2.13
CA SER A 40 13.92 -11.64 1.98
C SER A 40 14.10 -12.35 3.32
N ASP A 41 13.53 -13.54 3.43
CA ASP A 41 13.63 -14.33 4.66
C ASP A 41 14.90 -15.20 4.65
N CYS A 42 15.15 -15.83 3.51
CA CYS A 42 16.31 -16.69 3.36
C CYS A 42 17.55 -15.89 2.94
N SER A 43 18.29 -15.40 3.91
CA SER A 43 19.49 -14.60 3.64
C SER A 43 20.61 -15.48 3.08
N LYS A 44 20.79 -15.41 1.76
CA LYS A 44 21.83 -16.20 1.10
C LYS A 44 22.84 -15.28 0.40
N LEU A 45 23.95 -15.86 -0.01
CA LEU A 45 25.00 -15.11 -0.69
C LEU A 45 24.80 -15.13 -2.21
N THR A 46 24.71 -13.95 -2.81
CA THR A 46 24.52 -13.84 -4.24
C THR A 46 25.85 -13.61 -4.96
N HIS A 47 26.01 -14.26 -6.11
CA HIS A 47 27.24 -14.13 -6.89
C HIS A 47 26.97 -13.35 -8.18
N SER A 48 27.99 -12.62 -8.63
CA SER A 48 27.86 -11.81 -9.85
C SER A 48 28.63 -12.47 -11.00
N GLY A 49 27.89 -13.08 -11.92
CA GLY A 49 28.50 -13.74 -13.06
C GLY A 49 27.49 -14.13 -14.12
N PRO A 50 27.27 -15.45 -14.26
CA PRO A 50 26.32 -15.99 -15.25
C PRO A 50 24.88 -15.69 -14.88
N SER A 51 24.20 -14.93 -15.73
CA SER A 51 22.81 -14.57 -15.50
C SER A 51 21.88 -15.42 -16.35
N SER A 52 20.66 -15.65 -15.84
CA SER A 52 19.69 -16.46 -16.55
C SER A 52 18.32 -15.76 -16.57
N GLY A 53 17.44 -16.23 -17.44
CA GLY A 53 16.11 -15.65 -17.54
C GLY A 53 15.04 -16.52 -16.90
N GLY A 1 -7.87 8.42 -21.39
CA GLY A 1 -8.50 7.35 -20.62
C GLY A 1 -9.95 7.64 -20.31
N SER A 2 -10.30 7.60 -19.03
CA SER A 2 -11.68 7.85 -18.61
C SER A 2 -11.74 9.03 -17.65
N SER A 3 -12.95 9.53 -17.40
CA SER A 3 -13.15 10.66 -16.51
C SER A 3 -13.03 10.23 -15.05
N GLY A 4 -12.39 11.08 -14.24
CA GLY A 4 -12.23 10.77 -12.84
C GLY A 4 -10.76 10.74 -12.42
N SER A 5 -10.50 10.20 -11.23
CA SER A 5 -9.13 10.11 -10.72
C SER A 5 -9.07 9.15 -9.54
N SER A 6 -7.85 8.72 -9.21
CA SER A 6 -7.64 7.80 -8.11
C SER A 6 -7.41 8.55 -6.80
N GLY A 7 -7.47 7.83 -5.69
CA GLY A 7 -7.26 8.45 -4.39
C GLY A 7 -8.48 8.35 -3.50
N SER A 8 -9.65 8.59 -4.08
CA SER A 8 -10.90 8.54 -3.32
C SER A 8 -11.31 7.09 -3.07
N GLU A 9 -11.24 6.67 -1.81
CA GLU A 9 -11.60 5.31 -1.42
C GLU A 9 -10.71 4.30 -2.12
N ASP A 10 -9.40 4.59 -2.16
CA ASP A 10 -8.45 3.70 -2.81
C ASP A 10 -7.56 3.03 -1.76
N GLU A 11 -8.06 1.92 -1.21
CA GLU A 11 -7.31 1.17 -0.20
C GLU A 11 -6.15 0.41 -0.83
N TRP A 12 -5.25 -0.08 0.01
CA TRP A 12 -4.09 -0.82 -0.45
C TRP A 12 -4.22 -2.31 -0.14
N GLN A 13 -4.02 -3.14 -1.16
CA GLN A 13 -4.12 -4.59 -0.99
C GLN A 13 -3.00 -5.11 -0.10
N CYS A 14 -3.29 -6.17 0.65
CA CYS A 14 -2.31 -6.77 1.54
C CYS A 14 -1.53 -7.88 0.83
N THR A 15 -0.45 -8.33 1.45
CA THR A 15 0.38 -9.38 0.87
C THR A 15 0.25 -10.68 1.67
N GLU A 16 -0.21 -10.56 2.91
CA GLU A 16 -0.38 -11.72 3.77
C GLU A 16 -1.81 -12.25 3.70
N CYS A 17 -2.77 -11.36 3.89
CA CYS A 17 -4.18 -11.73 3.85
C CYS A 17 -4.88 -11.09 2.66
N LYS A 18 -4.10 -10.48 1.77
CA LYS A 18 -4.64 -9.82 0.59
C LYS A 18 -5.95 -9.12 0.90
N LYS A 19 -6.07 -8.63 2.14
CA LYS A 19 -7.27 -7.94 2.56
C LYS A 19 -7.10 -6.43 2.47
N PHE A 20 -7.99 -5.77 1.73
CA PHE A 20 -7.93 -4.32 1.56
C PHE A 20 -8.08 -3.61 2.90
N ASN A 21 -7.15 -2.69 3.18
CA ASN A 21 -7.18 -1.94 4.43
C ASN A 21 -7.24 -0.44 4.16
N SER A 22 -7.79 0.31 5.12
CA SER A 22 -7.91 1.75 4.98
C SER A 22 -6.66 2.35 4.34
N PRO A 23 -6.86 3.32 3.44
CA PRO A 23 -5.76 3.99 2.74
C PRO A 23 -4.95 4.89 3.67
N SER A 24 -5.47 5.12 4.87
CA SER A 24 -4.80 5.97 5.85
C SER A 24 -3.86 5.14 6.72
N LYS A 25 -4.38 4.05 7.28
CA LYS A 25 -3.59 3.17 8.13
C LYS A 25 -2.28 2.77 7.45
N ARG A 26 -1.30 2.37 8.25
CA ARG A 26 0.00 1.96 7.72
C ARG A 26 0.11 0.44 7.68
N TYR A 27 -0.20 -0.21 8.79
CA TYR A 27 -0.14 -1.66 8.88
C TYR A 27 -1.52 -2.28 8.73
N CYS A 28 -1.55 -3.58 8.48
CA CYS A 28 -2.81 -4.31 8.31
C CYS A 28 -3.46 -4.56 9.66
N PHE A 29 -4.71 -4.12 9.80
CA PHE A 29 -5.45 -4.30 11.05
C PHE A 29 -6.08 -5.69 11.10
N ARG A 30 -5.62 -6.59 10.24
CA ARG A 30 -6.15 -7.94 10.19
C ARG A 30 -5.03 -8.96 10.45
N CYS A 31 -3.85 -8.70 9.91
CA CYS A 31 -2.71 -9.58 10.08
C CYS A 31 -1.48 -8.81 10.53
N TRP A 32 -1.70 -7.67 11.15
CA TRP A 32 -0.61 -6.83 11.63
C TRP A 32 0.59 -6.91 10.69
N ALA A 33 0.34 -6.67 9.40
CA ALA A 33 1.39 -6.72 8.40
C ALA A 33 1.76 -5.31 7.93
N LEU A 34 2.74 -4.70 8.58
CA LEU A 34 3.18 -3.35 8.22
C LEU A 34 3.59 -3.30 6.75
N ARG A 35 3.03 -2.33 6.03
CA ARG A 35 3.34 -2.16 4.62
C ARG A 35 4.80 -1.75 4.43
N LYS A 36 5.39 -2.20 3.33
CA LYS A 36 6.78 -1.89 3.02
C LYS A 36 6.92 -1.34 1.60
N ASP A 37 8.11 -0.83 1.28
CA ASP A 37 8.37 -0.28 -0.04
C ASP A 37 9.86 -0.04 -0.25
N TRP A 38 10.35 -0.37 -1.44
CA TRP A 38 11.76 -0.19 -1.76
C TRP A 38 12.32 1.09 -1.12
N TYR A 39 13.24 0.91 -0.18
CA TYR A 39 13.83 2.04 0.52
C TYR A 39 15.11 2.49 -0.19
N SER A 40 15.06 3.69 -0.78
CA SER A 40 16.21 4.23 -1.49
C SER A 40 17.21 4.84 -0.51
N ASP A 41 18.31 4.12 -0.28
CA ASP A 41 19.35 4.59 0.63
C ASP A 41 19.71 6.04 0.35
N CYS A 42 19.65 6.88 1.38
CA CYS A 42 19.97 8.30 1.23
C CYS A 42 21.10 8.50 0.23
N SER A 43 20.85 9.34 -0.77
CA SER A 43 21.83 9.62 -1.81
C SER A 43 23.15 10.11 -1.18
N LYS A 44 23.03 11.00 -0.22
CA LYS A 44 24.20 11.55 0.46
C LYS A 44 24.64 10.64 1.61
N LEU A 45 23.75 10.44 2.56
CA LEU A 45 24.03 9.59 3.72
C LEU A 45 24.15 8.13 3.30
N THR A 46 25.38 7.68 3.07
CA THR A 46 25.62 6.30 2.67
C THR A 46 25.04 5.32 3.69
N HIS A 47 25.13 5.68 4.96
CA HIS A 47 24.60 4.84 6.03
C HIS A 47 23.17 5.20 6.36
N SER A 48 22.39 4.21 6.78
CA SER A 48 20.99 4.42 7.13
C SER A 48 20.80 5.76 7.85
N GLY A 49 21.69 6.03 8.80
CA GLY A 49 21.61 7.27 9.56
C GLY A 49 21.53 7.04 11.05
N PRO A 50 22.69 7.08 11.73
CA PRO A 50 22.77 6.88 13.17
C PRO A 50 22.15 8.03 13.96
N SER A 51 21.24 7.70 14.88
CA SER A 51 20.57 8.70 15.69
C SER A 51 20.69 8.38 17.18
N SER A 52 21.50 9.16 17.88
CA SER A 52 21.71 8.95 19.30
C SER A 52 20.80 9.85 20.13
N GLY A 53 20.80 11.14 19.79
CA GLY A 53 19.97 12.10 20.51
C GLY A 53 20.09 11.95 22.02
N GLY A 1 -21.45 -3.72 -17.20
CA GLY A 1 -20.88 -2.47 -17.67
C GLY A 1 -19.43 -2.30 -17.24
N SER A 2 -18.52 -2.45 -18.19
CA SER A 2 -17.09 -2.31 -17.91
C SER A 2 -16.84 -1.18 -16.91
N SER A 3 -16.19 -1.52 -15.80
CA SER A 3 -15.89 -0.54 -14.77
C SER A 3 -14.64 -0.93 -14.00
N GLY A 4 -14.04 0.04 -13.31
CA GLY A 4 -12.84 -0.22 -12.54
C GLY A 4 -12.55 0.87 -11.54
N SER A 5 -12.14 2.04 -12.03
CA SER A 5 -11.81 3.17 -11.16
C SER A 5 -13.03 3.59 -10.34
N SER A 6 -13.15 3.03 -9.15
CA SER A 6 -14.28 3.33 -8.26
C SER A 6 -14.24 4.80 -7.84
N GLY A 7 -13.17 5.18 -7.15
CA GLY A 7 -13.04 6.56 -6.70
C GLY A 7 -11.63 6.89 -6.26
N SER A 8 -11.39 8.15 -5.92
CA SER A 8 -10.07 8.60 -5.49
C SER A 8 -9.47 7.63 -4.49
N GLU A 9 -10.19 7.39 -3.39
CA GLU A 9 -9.73 6.48 -2.36
C GLU A 9 -9.55 5.07 -2.91
N ASP A 10 -8.33 4.53 -2.79
CA ASP A 10 -8.04 3.19 -3.28
C ASP A 10 -7.32 2.37 -2.20
N GLU A 11 -8.09 1.60 -1.44
CA GLU A 11 -7.53 0.77 -0.38
C GLU A 11 -6.38 -0.08 -0.91
N TRP A 12 -5.39 -0.29 -0.06
CA TRP A 12 -4.23 -1.10 -0.45
C TRP A 12 -4.40 -2.55 -0.03
N GLN A 13 -4.20 -3.47 -0.97
CA GLN A 13 -4.35 -4.89 -0.70
C GLN A 13 -3.18 -5.40 0.14
N CYS A 14 -3.44 -6.44 0.92
CA CYS A 14 -2.42 -7.02 1.79
C CYS A 14 -1.71 -8.17 1.07
N THR A 15 -0.38 -8.13 1.07
CA THR A 15 0.42 -9.17 0.42
C THR A 15 0.59 -10.38 1.34
N GLU A 16 -0.30 -10.52 2.31
CA GLU A 16 -0.25 -11.63 3.24
C GLU A 16 -1.63 -12.24 3.44
N CYS A 17 -2.64 -11.39 3.53
CA CYS A 17 -4.02 -11.84 3.72
C CYS A 17 -4.96 -11.13 2.76
N LYS A 18 -4.40 -10.56 1.71
CA LYS A 18 -5.20 -9.85 0.71
C LYS A 18 -6.37 -9.13 1.36
N LYS A 19 -6.10 -8.47 2.49
CA LYS A 19 -7.13 -7.73 3.20
C LYS A 19 -7.07 -6.24 2.88
N PHE A 20 -8.16 -5.71 2.33
CA PHE A 20 -8.22 -4.30 1.97
C PHE A 20 -8.16 -3.42 3.21
N ASN A 21 -7.19 -2.51 3.25
CA ASN A 21 -7.02 -1.61 4.38
C ASN A 21 -6.94 -0.16 3.91
N SER A 22 -7.36 0.76 4.78
CA SER A 22 -7.34 2.18 4.46
C SER A 22 -5.92 2.67 4.24
N PRO A 23 -5.73 3.53 3.23
CA PRO A 23 -4.42 4.09 2.90
C PRO A 23 -3.93 5.07 3.95
N SER A 24 -4.69 5.22 5.02
CA SER A 24 -4.33 6.13 6.10
C SER A 24 -3.86 5.36 7.33
N LYS A 25 -4.43 4.18 7.54
CA LYS A 25 -4.07 3.33 8.67
C LYS A 25 -2.59 2.95 8.62
N ARG A 26 -2.13 2.56 7.44
CA ARG A 26 -0.73 2.17 7.26
C ARG A 26 -0.42 0.91 8.05
N TYR A 27 -1.45 0.11 8.32
CA TYR A 27 -1.27 -1.13 9.06
C TYR A 27 -2.50 -2.02 8.92
N CYS A 28 -2.27 -3.29 8.57
CA CYS A 28 -3.35 -4.25 8.40
C CYS A 28 -3.81 -4.78 9.75
N PHE A 29 -5.08 -4.55 10.07
CA PHE A 29 -5.66 -5.00 11.33
C PHE A 29 -6.12 -6.46 11.22
N ARG A 30 -5.44 -7.22 10.36
CA ARG A 30 -5.78 -8.63 10.17
C ARG A 30 -4.58 -9.52 10.46
N CYS A 31 -3.42 -9.14 9.95
CA CYS A 31 -2.20 -9.91 10.15
C CYS A 31 -1.06 -9.01 10.63
N TRP A 32 -1.41 -7.77 10.98
CA TRP A 32 -0.42 -6.81 11.46
C TRP A 32 0.74 -6.69 10.48
N ALA A 33 0.41 -6.40 9.22
CA ALA A 33 1.43 -6.25 8.19
C ALA A 33 1.39 -4.85 7.58
N LEU A 34 2.25 -3.96 8.10
CA LEU A 34 2.30 -2.59 7.60
C LEU A 34 2.76 -2.56 6.14
N ARG A 35 2.13 -1.70 5.36
CA ARG A 35 2.47 -1.56 3.95
C ARG A 35 3.97 -1.39 3.76
N LYS A 36 4.52 -2.05 2.74
CA LYS A 36 5.95 -1.97 2.45
C LYS A 36 6.19 -1.24 1.13
N ASP A 37 6.25 0.09 1.21
CA ASP A 37 6.49 0.90 0.01
C ASP A 37 7.90 0.68 -0.52
N TRP A 38 8.87 0.66 0.39
CA TRP A 38 10.26 0.47 0.01
C TRP A 38 10.44 -0.83 -0.76
N TYR A 39 10.17 -1.95 -0.09
CA TYR A 39 10.32 -3.26 -0.72
C TYR A 39 9.76 -3.25 -2.15
N SER A 40 10.65 -3.30 -3.12
CA SER A 40 10.25 -3.29 -4.53
C SER A 40 10.34 -4.69 -5.13
N ASP A 41 9.74 -4.87 -6.30
CA ASP A 41 9.77 -6.15 -6.98
C ASP A 41 10.57 -6.07 -8.28
N CYS A 42 10.24 -5.10 -9.11
CA CYS A 42 10.92 -4.91 -10.38
C CYS A 42 12.42 -5.15 -10.23
N SER A 43 12.98 -4.69 -9.11
CA SER A 43 14.40 -4.85 -8.85
C SER A 43 14.72 -4.55 -7.39
N LYS A 44 15.57 -5.38 -6.79
CA LYS A 44 15.97 -5.21 -5.41
C LYS A 44 17.49 -5.21 -5.26
N LEU A 45 18.18 -4.77 -6.31
CA LEU A 45 19.63 -4.73 -6.30
C LEU A 45 20.13 -3.37 -5.79
N THR A 46 21.44 -3.26 -5.61
CA THR A 46 22.04 -2.02 -5.13
C THR A 46 21.58 -1.70 -3.72
N HIS A 47 21.49 -2.72 -2.88
CA HIS A 47 21.05 -2.54 -1.50
C HIS A 47 19.70 -1.83 -1.44
N SER A 48 18.80 -2.24 -2.32
CA SER A 48 17.46 -1.63 -2.37
C SER A 48 16.67 -1.96 -1.11
N GLY A 49 16.71 -1.04 -0.14
CA GLY A 49 16.00 -1.25 1.11
C GLY A 49 15.75 0.05 1.84
N PRO A 50 16.61 0.35 2.83
CA PRO A 50 16.49 1.58 3.63
C PRO A 50 16.80 2.83 2.83
N SER A 51 16.16 3.94 3.20
CA SER A 51 16.37 5.20 2.52
C SER A 51 17.39 6.07 3.26
N SER A 52 17.14 6.29 4.55
CA SER A 52 18.04 7.10 5.37
C SER A 52 19.38 6.41 5.54
N GLY A 53 20.45 7.11 5.16
CA GLY A 53 21.78 6.55 5.28
C GLY A 53 21.95 5.27 4.47
N GLY A 1 -15.61 11.95 -19.66
CA GLY A 1 -16.53 10.84 -19.53
C GLY A 1 -16.53 10.24 -18.13
N SER A 2 -16.74 8.94 -18.04
CA SER A 2 -16.78 8.25 -16.76
C SER A 2 -15.36 8.00 -16.25
N SER A 3 -15.18 8.13 -14.94
CA SER A 3 -13.88 7.91 -14.32
C SER A 3 -13.72 6.47 -13.87
N GLY A 4 -12.99 5.68 -14.66
CA GLY A 4 -12.77 4.30 -14.33
C GLY A 4 -11.31 3.90 -14.39
N SER A 5 -10.48 4.60 -13.62
CA SER A 5 -9.05 4.33 -13.58
C SER A 5 -8.47 4.58 -12.19
N SER A 6 -8.12 3.49 -11.50
CA SER A 6 -7.57 3.59 -10.16
C SER A 6 -6.37 4.53 -10.12
N GLY A 7 -6.13 5.15 -8.98
CA GLY A 7 -5.02 6.06 -8.84
C GLY A 7 -5.05 6.83 -7.52
N SER A 8 -6.24 7.23 -7.11
CA SER A 8 -6.41 7.97 -5.86
C SER A 8 -7.72 7.59 -5.17
N GLU A 9 -7.74 7.77 -3.86
CA GLU A 9 -8.93 7.44 -3.07
C GLU A 9 -9.28 5.97 -3.19
N ASP A 10 -8.26 5.12 -3.12
CA ASP A 10 -8.45 3.67 -3.22
C ASP A 10 -7.68 2.95 -2.13
N GLU A 11 -8.34 1.98 -1.48
CA GLU A 11 -7.71 1.21 -0.41
C GLU A 11 -6.56 0.38 -0.96
N TRP A 12 -5.59 0.09 -0.10
CA TRP A 12 -4.43 -0.70 -0.48
C TRP A 12 -4.60 -2.16 -0.05
N GLN A 13 -4.40 -3.08 -0.99
CA GLN A 13 -4.53 -4.50 -0.71
C GLN A 13 -3.30 -5.02 0.03
N CYS A 14 -3.46 -6.15 0.73
CA CYS A 14 -2.36 -6.74 1.48
C CYS A 14 -1.74 -7.91 0.70
N THR A 15 -0.59 -8.36 1.17
CA THR A 15 0.12 -9.47 0.52
C THR A 15 -0.01 -10.75 1.33
N GLU A 16 -0.05 -10.61 2.65
CA GLU A 16 -0.17 -11.77 3.52
C GLU A 16 -1.60 -12.31 3.53
N CYS A 17 -2.51 -11.55 4.11
CA CYS A 17 -3.91 -11.95 4.17
C CYS A 17 -4.65 -11.57 2.89
N LYS A 18 -4.13 -10.56 2.20
CA LYS A 18 -4.74 -10.09 0.95
C LYS A 18 -6.08 -9.42 1.22
N LYS A 19 -6.11 -8.53 2.21
CA LYS A 19 -7.33 -7.82 2.56
C LYS A 19 -7.27 -6.37 2.08
N PHE A 20 -8.30 -5.60 2.39
CA PHE A 20 -8.37 -4.19 2.00
C PHE A 20 -8.34 -3.28 3.21
N ASN A 21 -7.25 -2.54 3.37
CA ASN A 21 -7.10 -1.62 4.50
C ASN A 21 -7.27 -0.18 4.05
N SER A 22 -7.66 0.68 4.98
CA SER A 22 -7.87 2.10 4.69
C SER A 22 -6.60 2.71 4.10
N PRO A 23 -6.78 3.62 3.13
CA PRO A 23 -5.67 4.30 2.47
C PRO A 23 -4.96 5.29 3.39
N SER A 24 -5.37 5.32 4.65
CA SER A 24 -4.79 6.22 5.63
C SER A 24 -3.90 5.45 6.61
N LYS A 25 -4.39 4.31 7.09
CA LYS A 25 -3.63 3.48 8.02
C LYS A 25 -2.43 2.84 7.33
N ARG A 26 -1.48 2.37 8.13
CA ARG A 26 -0.28 1.73 7.60
C ARG A 26 -0.28 0.23 7.89
N TYR A 27 -0.33 -0.12 9.17
CA TYR A 27 -0.33 -1.52 9.58
C TYR A 27 -1.62 -2.21 9.15
N CYS A 28 -1.55 -3.51 8.91
CA CYS A 28 -2.70 -4.29 8.50
C CYS A 28 -3.48 -4.80 9.71
N PHE A 29 -4.73 -4.39 9.82
CA PHE A 29 -5.57 -4.80 10.94
C PHE A 29 -6.18 -6.17 10.67
N ARG A 30 -5.42 -7.03 9.99
CA ARG A 30 -5.88 -8.38 9.67
C ARG A 30 -4.79 -9.40 9.95
N CYS A 31 -3.55 -9.04 9.64
CA CYS A 31 -2.41 -9.93 9.85
C CYS A 31 -1.27 -9.19 10.53
N TRP A 32 -1.58 -8.04 11.12
CA TRP A 32 -0.57 -7.24 11.80
C TRP A 32 0.73 -7.19 11.01
N ALA A 33 0.63 -6.79 9.74
CA ALA A 33 1.79 -6.69 8.88
C ALA A 33 2.08 -5.24 8.50
N LEU A 34 3.23 -4.74 8.95
CA LEU A 34 3.64 -3.37 8.65
C LEU A 34 3.61 -3.10 7.15
N ARG A 35 2.93 -2.02 6.76
CA ARG A 35 2.84 -1.65 5.36
C ARG A 35 4.15 -1.92 4.63
N LYS A 36 4.08 -2.70 3.56
CA LYS A 36 5.26 -3.04 2.77
C LYS A 36 5.15 -2.48 1.36
N ASP A 37 4.09 -2.86 0.66
CA ASP A 37 3.87 -2.40 -0.70
C ASP A 37 4.16 -0.91 -0.82
N TRP A 38 4.89 -0.53 -1.87
CA TRP A 38 5.25 0.87 -2.10
C TRP A 38 5.43 1.14 -3.59
N TYR A 39 5.02 2.33 -4.02
CA TYR A 39 5.14 2.72 -5.41
C TYR A 39 5.91 4.04 -5.55
N SER A 40 6.33 4.34 -6.78
CA SER A 40 7.08 5.57 -7.04
C SER A 40 6.39 6.39 -8.13
N ASP A 41 6.04 5.73 -9.23
CA ASP A 41 5.38 6.40 -10.34
C ASP A 41 4.09 7.07 -9.89
N CYS A 42 4.19 8.33 -9.50
CA CYS A 42 3.03 9.09 -9.04
C CYS A 42 2.73 10.25 -9.98
N SER A 43 2.82 9.99 -11.28
CA SER A 43 2.56 11.01 -12.28
C SER A 43 3.68 12.05 -12.31
N LYS A 44 4.92 11.57 -12.21
CA LYS A 44 6.08 12.46 -12.23
C LYS A 44 6.92 12.23 -13.48
N LEU A 45 6.25 12.07 -14.62
CA LEU A 45 6.93 11.85 -15.88
C LEU A 45 6.29 12.67 -17.00
N THR A 46 7.06 12.93 -18.05
CA THR A 46 6.57 13.70 -19.19
C THR A 46 5.55 12.91 -20.00
N HIS A 47 4.30 13.34 -19.95
CA HIS A 47 3.23 12.67 -20.69
C HIS A 47 3.63 12.45 -22.15
N SER A 48 3.98 13.53 -22.83
CA SER A 48 4.37 13.46 -24.23
C SER A 48 5.88 13.28 -24.36
N GLY A 49 6.30 12.57 -25.41
CA GLY A 49 7.72 12.34 -25.62
C GLY A 49 7.98 11.29 -26.68
N PRO A 50 8.33 10.07 -26.24
CA PRO A 50 8.63 8.95 -27.15
C PRO A 50 7.36 8.45 -27.85
N SER A 51 7.54 7.43 -28.70
CA SER A 51 6.42 6.85 -29.43
C SER A 51 5.46 6.13 -28.49
N SER A 52 6.02 5.31 -27.60
CA SER A 52 5.22 4.56 -26.65
C SER A 52 5.92 4.46 -25.30
N GLY A 53 5.22 4.87 -24.24
CA GLY A 53 5.80 4.82 -22.91
C GLY A 53 5.16 3.77 -22.04
N GLY A 1 -17.97 14.90 -3.49
CA GLY A 1 -17.16 15.14 -4.67
C GLY A 1 -16.91 13.88 -5.46
N SER A 2 -17.26 13.91 -6.74
CA SER A 2 -17.08 12.75 -7.61
C SER A 2 -15.61 12.37 -7.68
N SER A 3 -14.75 13.34 -7.95
CA SER A 3 -13.32 13.10 -8.05
C SER A 3 -12.63 13.29 -6.71
N GLY A 4 -12.97 14.39 -6.03
CA GLY A 4 -12.38 14.68 -4.74
C GLY A 4 -10.87 14.70 -4.78
N SER A 5 -10.25 15.10 -3.68
CA SER A 5 -8.80 15.16 -3.59
C SER A 5 -8.17 13.84 -4.01
N SER A 6 -7.46 13.86 -5.14
CA SER A 6 -6.82 12.66 -5.66
C SER A 6 -5.67 12.23 -4.75
N GLY A 7 -5.36 10.93 -4.76
CA GLY A 7 -4.29 10.41 -3.95
C GLY A 7 -4.49 8.96 -3.57
N SER A 8 -4.65 8.69 -2.27
CA SER A 8 -4.85 7.34 -1.79
C SER A 8 -6.31 7.10 -1.42
N GLU A 9 -7.21 7.60 -2.26
CA GLU A 9 -8.64 7.44 -2.03
C GLU A 9 -9.02 5.96 -1.92
N ASP A 10 -8.41 5.14 -2.77
CA ASP A 10 -8.68 3.71 -2.76
C ASP A 10 -7.90 3.01 -1.67
N GLU A 11 -8.38 1.84 -1.26
CA GLU A 11 -7.72 1.06 -0.22
C GLU A 11 -6.63 0.16 -0.80
N TRP A 12 -5.49 0.09 -0.11
CA TRP A 12 -4.39 -0.74 -0.56
C TRP A 12 -4.59 -2.19 -0.17
N GLN A 13 -4.19 -3.10 -1.06
CA GLN A 13 -4.33 -4.53 -0.80
C GLN A 13 -3.15 -5.06 0.00
N CYS A 14 -3.42 -6.08 0.84
CA CYS A 14 -2.38 -6.67 1.66
C CYS A 14 -1.67 -7.81 0.92
N THR A 15 -0.52 -8.21 1.43
CA THR A 15 0.25 -9.28 0.82
C THR A 15 0.13 -10.58 1.62
N GLU A 16 -0.04 -10.44 2.94
CA GLU A 16 -0.18 -11.60 3.81
C GLU A 16 -1.56 -12.22 3.69
N CYS A 17 -2.56 -11.51 4.20
CA CYS A 17 -3.94 -12.00 4.15
C CYS A 17 -4.61 -11.61 2.83
N LYS A 18 -4.13 -10.52 2.23
CA LYS A 18 -4.67 -10.05 0.97
C LYS A 18 -6.09 -9.51 1.15
N LYS A 19 -6.25 -8.61 2.10
CA LYS A 19 -7.57 -8.01 2.37
C LYS A 19 -7.48 -6.50 2.38
N PHE A 20 -8.26 -5.87 1.50
CA PHE A 20 -8.28 -4.41 1.40
C PHE A 20 -8.12 -3.77 2.78
N ASN A 21 -7.24 -2.78 2.86
CA ASN A 21 -6.98 -2.09 4.12
C ASN A 21 -7.06 -0.57 3.93
N SER A 22 -7.51 0.12 4.97
CA SER A 22 -7.64 1.57 4.92
C SER A 22 -6.34 2.22 4.45
N PRO A 23 -6.47 3.28 3.64
CA PRO A 23 -5.32 4.02 3.11
C PRO A 23 -4.57 4.80 4.18
N SER A 24 -5.33 5.35 5.12
CA SER A 24 -4.74 6.13 6.21
C SER A 24 -3.85 5.26 7.08
N LYS A 25 -4.32 4.05 7.37
CA LYS A 25 -3.55 3.11 8.19
C LYS A 25 -2.27 2.69 7.49
N ARG A 26 -1.22 2.47 8.27
CA ARG A 26 0.07 2.06 7.72
C ARG A 26 0.15 0.53 7.62
N TYR A 27 -0.11 -0.14 8.73
CA TYR A 27 -0.07 -1.60 8.77
C TYR A 27 -1.45 -2.19 8.51
N CYS A 28 -1.50 -3.50 8.30
CA CYS A 28 -2.75 -4.20 8.05
C CYS A 28 -3.48 -4.51 9.35
N PHE A 29 -4.72 -4.03 9.46
CA PHE A 29 -5.52 -4.25 10.66
C PHE A 29 -6.20 -5.61 10.61
N ARG A 30 -5.53 -6.58 10.00
CA ARG A 30 -6.06 -7.93 9.89
C ARG A 30 -5.00 -8.97 10.24
N CYS A 31 -3.76 -8.71 9.83
CA CYS A 31 -2.65 -9.63 10.10
C CYS A 31 -1.45 -8.87 10.66
N TRP A 32 -1.68 -7.64 11.09
CA TRP A 32 -0.62 -6.80 11.65
C TRP A 32 0.59 -6.79 10.73
N ALA A 33 0.36 -6.68 9.43
CA ALA A 33 1.43 -6.65 8.44
C ALA A 33 1.77 -5.22 8.04
N LEU A 34 2.75 -4.64 8.73
CA LEU A 34 3.18 -3.28 8.45
C LEU A 34 3.49 -3.10 6.96
N ARG A 35 3.06 -1.97 6.40
CA ARG A 35 3.29 -1.69 4.99
C ARG A 35 4.75 -1.33 4.75
N LYS A 36 5.42 -2.12 3.90
CA LYS A 36 6.82 -1.89 3.58
C LYS A 36 7.03 -0.48 3.06
N ASP A 37 8.29 -0.04 3.04
CA ASP A 37 8.63 1.29 2.55
C ASP A 37 8.24 1.45 1.09
N TRP A 38 8.62 0.47 0.27
CA TRP A 38 8.33 0.50 -1.15
C TRP A 38 6.82 0.48 -1.40
N TYR A 39 6.30 1.60 -1.91
CA TYR A 39 4.87 1.70 -2.18
C TYR A 39 4.48 0.86 -3.40
N SER A 40 5.29 0.94 -4.45
CA SER A 40 5.04 0.18 -5.67
C SER A 40 6.01 -0.98 -5.81
N ASP A 41 5.68 -1.92 -6.68
CA ASP A 41 6.52 -3.09 -6.91
C ASP A 41 7.11 -3.08 -8.31
N CYS A 42 6.26 -2.77 -9.29
CA CYS A 42 6.70 -2.71 -10.68
C CYS A 42 7.99 -1.90 -10.82
N SER A 43 9.06 -2.56 -11.24
CA SER A 43 10.35 -1.89 -11.40
C SER A 43 11.16 -2.54 -12.52
N LYS A 44 12.18 -1.84 -12.99
CA LYS A 44 13.03 -2.35 -14.07
C LYS A 44 13.82 -3.57 -13.59
N LEU A 45 13.71 -4.66 -14.34
CA LEU A 45 14.41 -5.89 -14.00
C LEU A 45 14.00 -6.40 -12.62
N THR A 46 12.69 -6.37 -12.36
CA THR A 46 12.16 -6.82 -11.08
C THR A 46 12.93 -8.04 -10.56
N HIS A 47 13.24 -8.03 -9.28
CA HIS A 47 13.97 -9.13 -8.65
C HIS A 47 13.21 -10.45 -8.81
N SER A 48 13.64 -11.26 -9.77
CA SER A 48 13.00 -12.55 -10.03
C SER A 48 13.14 -13.47 -8.82
N GLY A 49 12.15 -14.34 -8.66
CA GLY A 49 12.17 -15.28 -7.54
C GLY A 49 11.96 -16.71 -7.97
N PRO A 50 11.51 -17.56 -7.03
CA PRO A 50 11.26 -18.98 -7.31
C PRO A 50 10.05 -19.19 -8.22
N SER A 51 10.14 -20.20 -9.08
CA SER A 51 9.06 -20.50 -10.01
C SER A 51 8.76 -22.00 -10.02
N SER A 52 7.50 -22.34 -10.28
CA SER A 52 7.08 -23.74 -10.32
C SER A 52 5.71 -23.88 -10.96
N GLY A 53 5.50 -24.98 -11.68
CA GLY A 53 4.23 -25.21 -12.33
C GLY A 53 3.06 -25.14 -11.36
N GLY A 1 -28.57 9.79 -14.15
CA GLY A 1 -27.90 11.00 -13.68
C GLY A 1 -26.43 11.03 -14.06
N SER A 2 -25.73 12.07 -13.62
CA SER A 2 -24.31 12.22 -13.93
C SER A 2 -23.50 11.11 -13.26
N SER A 3 -23.03 10.17 -14.08
CA SER A 3 -22.23 9.05 -13.57
C SER A 3 -20.78 9.19 -13.99
N GLY A 4 -19.91 9.43 -13.02
CA GLY A 4 -18.49 9.58 -13.32
C GLY A 4 -17.68 8.40 -12.84
N SER A 5 -16.93 7.78 -13.76
CA SER A 5 -16.11 6.63 -13.42
C SER A 5 -15.20 6.93 -12.25
N SER A 6 -14.54 8.09 -12.29
CA SER A 6 -13.64 8.51 -11.24
C SER A 6 -14.42 9.00 -10.01
N GLY A 7 -13.97 8.60 -8.83
CA GLY A 7 -14.63 9.01 -7.60
C GLY A 7 -14.91 7.85 -6.68
N SER A 8 -13.88 7.05 -6.41
CA SER A 8 -14.02 5.89 -5.53
C SER A 8 -12.75 5.68 -4.71
N GLU A 9 -12.90 5.66 -3.39
CA GLU A 9 -11.77 5.47 -2.48
C GLU A 9 -10.80 4.45 -3.06
N ASP A 10 -9.51 4.65 -2.77
CA ASP A 10 -8.48 3.74 -3.25
C ASP A 10 -7.76 3.07 -2.08
N GLU A 11 -8.29 1.92 -1.66
CA GLU A 11 -7.69 1.18 -0.55
C GLU A 11 -6.49 0.37 -1.02
N TRP A 12 -5.56 0.13 -0.11
CA TRP A 12 -4.36 -0.64 -0.43
C TRP A 12 -4.52 -2.10 -0.03
N GLN A 13 -4.19 -3.01 -0.94
CA GLN A 13 -4.30 -4.44 -0.68
C GLN A 13 -3.10 -4.95 0.11
N CYS A 14 -3.32 -5.97 0.93
CA CYS A 14 -2.25 -6.55 1.74
C CYS A 14 -1.53 -7.65 0.97
N THR A 15 -0.41 -8.10 1.52
CA THR A 15 0.39 -9.15 0.89
C THR A 15 0.26 -10.46 1.67
N GLU A 16 0.11 -10.35 2.99
CA GLU A 16 -0.02 -11.53 3.84
C GLU A 16 -1.41 -12.14 3.72
N CYS A 17 -2.41 -11.40 4.19
CA CYS A 17 -3.80 -11.85 4.15
C CYS A 17 -4.46 -11.45 2.84
N LYS A 18 -3.89 -10.46 2.17
CA LYS A 18 -4.42 -9.98 0.90
C LYS A 18 -5.80 -9.35 1.09
N LYS A 19 -5.92 -8.53 2.13
CA LYS A 19 -7.18 -7.86 2.43
C LYS A 19 -7.16 -6.43 1.91
N PHE A 20 -8.22 -5.68 2.20
CA PHE A 20 -8.33 -4.29 1.76
C PHE A 20 -8.54 -3.36 2.96
N ASN A 21 -7.56 -2.49 3.19
CA ASN A 21 -7.64 -1.54 4.30
C ASN A 21 -7.62 -0.11 3.79
N SER A 22 -8.02 0.82 4.65
CA SER A 22 -8.06 2.24 4.29
C SER A 22 -6.67 2.72 3.89
N PRO A 23 -6.62 3.72 2.99
CA PRO A 23 -5.37 4.30 2.51
C PRO A 23 -4.65 5.11 3.58
N SER A 24 -5.23 5.12 4.79
CA SER A 24 -4.64 5.86 5.90
C SER A 24 -3.80 4.95 6.78
N LYS A 25 -4.42 3.89 7.29
CA LYS A 25 -3.72 2.93 8.15
C LYS A 25 -2.40 2.51 7.53
N ARG A 26 -1.52 1.95 8.35
CA ARG A 26 -0.21 1.49 7.87
C ARG A 26 -0.01 0.01 8.18
N TYR A 27 -0.27 -0.36 9.43
CA TYR A 27 -0.11 -1.74 9.87
C TYR A 27 -1.42 -2.51 9.72
N CYS A 28 -1.49 -3.34 8.69
CA CYS A 28 -2.69 -4.14 8.44
C CYS A 28 -3.35 -4.57 9.76
N PHE A 29 -4.54 -4.05 10.02
CA PHE A 29 -5.27 -4.37 11.24
C PHE A 29 -6.04 -5.68 11.07
N ARG A 30 -5.47 -6.61 10.34
CA ARG A 30 -6.11 -7.90 10.09
C ARG A 30 -5.13 -9.05 10.32
N CYS A 31 -3.88 -8.85 9.91
CA CYS A 31 -2.84 -9.86 10.06
C CYS A 31 -1.60 -9.27 10.72
N TRP A 32 -1.63 -7.96 10.97
CA TRP A 32 -0.50 -7.29 11.60
C TRP A 32 0.76 -7.42 10.75
N ALA A 33 0.65 -7.08 9.47
CA ALA A 33 1.79 -7.16 8.56
C ALA A 33 1.94 -5.88 7.75
N LEU A 34 2.74 -4.96 8.26
CA LEU A 34 2.98 -3.69 7.57
C LEU A 34 3.07 -3.89 6.06
N ARG A 35 2.64 -2.88 5.31
CA ARG A 35 2.68 -2.95 3.85
C ARG A 35 4.11 -2.91 3.34
N LYS A 36 4.28 -3.14 2.05
CA LYS A 36 5.60 -3.14 1.44
C LYS A 36 5.69 -2.08 0.34
N ASP A 37 4.66 -2.01 -0.49
CA ASP A 37 4.61 -1.03 -1.58
C ASP A 37 5.24 0.29 -1.15
N TRP A 38 6.21 0.75 -1.93
CA TRP A 38 6.90 2.00 -1.63
C TRP A 38 6.16 3.19 -2.22
N TYR A 39 5.50 3.96 -1.37
CA TYR A 39 4.74 5.12 -1.80
C TYR A 39 5.66 6.16 -2.45
N SER A 40 6.74 6.51 -1.76
CA SER A 40 7.70 7.49 -2.26
C SER A 40 8.18 7.11 -3.65
N ASP A 41 8.59 8.11 -4.42
CA ASP A 41 9.09 7.87 -5.77
C ASP A 41 8.27 6.79 -6.48
N CYS A 42 6.95 6.88 -6.34
CA CYS A 42 6.05 5.91 -6.96
C CYS A 42 4.70 6.55 -7.29
N SER A 43 4.19 6.25 -8.48
CA SER A 43 2.91 6.79 -8.92
C SER A 43 2.22 5.85 -9.90
N LYS A 44 0.98 5.50 -9.59
CA LYS A 44 0.21 4.60 -10.45
C LYS A 44 -0.36 5.34 -11.65
N LEU A 45 -0.27 4.72 -12.81
CA LEU A 45 -0.77 5.32 -14.05
C LEU A 45 -2.20 4.88 -14.33
N THR A 46 -3.05 5.85 -14.64
CA THR A 46 -4.46 5.56 -14.92
C THR A 46 -5.01 6.51 -15.98
N HIS A 47 -6.17 6.17 -16.52
CA HIS A 47 -6.81 7.00 -17.55
C HIS A 47 -7.86 7.92 -16.93
N SER A 48 -7.55 8.49 -15.78
CA SER A 48 -8.47 9.38 -15.08
C SER A 48 -7.73 10.27 -14.09
N GLY A 49 -8.17 11.52 -13.98
CA GLY A 49 -7.54 12.46 -13.07
C GLY A 49 -7.13 11.81 -11.76
N PRO A 50 -5.82 11.83 -11.47
CA PRO A 50 -5.28 11.23 -10.24
C PRO A 50 -5.67 12.03 -8.99
N SER A 51 -6.04 11.31 -7.93
CA SER A 51 -6.44 11.96 -6.69
C SER A 51 -7.63 12.89 -6.91
N SER A 52 -8.61 12.42 -7.68
CA SER A 52 -9.79 13.22 -7.97
C SER A 52 -10.72 13.28 -6.76
N GLY A 53 -10.83 14.48 -6.18
CA GLY A 53 -11.69 14.66 -5.02
C GLY A 53 -11.43 15.98 -4.32
N GLY A 1 -15.31 23.70 1.35
CA GLY A 1 -15.46 22.44 0.65
C GLY A 1 -14.31 22.18 -0.30
N SER A 2 -14.60 21.49 -1.41
CA SER A 2 -13.58 21.17 -2.39
C SER A 2 -14.06 21.51 -3.80
N SER A 3 -13.54 22.61 -4.34
CA SER A 3 -13.92 23.05 -5.69
C SER A 3 -13.87 21.88 -6.67
N GLY A 4 -12.72 21.21 -6.73
CA GLY A 4 -12.57 20.08 -7.63
C GLY A 4 -13.47 18.92 -7.26
N SER A 5 -13.77 18.07 -8.25
CA SER A 5 -14.63 16.92 -8.02
C SER A 5 -13.80 15.64 -7.92
N SER A 6 -13.84 15.01 -6.75
CA SER A 6 -13.09 13.78 -6.51
C SER A 6 -13.74 12.95 -5.41
N GLY A 7 -13.28 11.71 -5.26
CA GLY A 7 -13.84 10.84 -4.24
C GLY A 7 -13.67 9.37 -4.59
N SER A 8 -12.46 8.84 -4.39
CA SER A 8 -12.18 7.45 -4.69
C SER A 8 -11.43 6.78 -3.54
N GLU A 9 -12.04 5.75 -2.96
CA GLU A 9 -11.43 5.03 -1.84
C GLU A 9 -10.60 3.87 -2.34
N ASP A 10 -9.35 4.15 -2.69
CA ASP A 10 -8.43 3.13 -3.18
C ASP A 10 -7.59 2.56 -2.05
N GLU A 11 -8.12 1.55 -1.38
CA GLU A 11 -7.43 0.92 -0.26
C GLU A 11 -6.22 0.13 -0.77
N TRP A 12 -5.20 0.02 0.08
CA TRP A 12 -3.99 -0.72 -0.27
C TRP A 12 -4.15 -2.21 0.02
N GLN A 13 -3.89 -3.04 -0.98
CA GLN A 13 -4.01 -4.49 -0.82
C GLN A 13 -2.90 -5.02 0.07
N CYS A 14 -3.19 -6.13 0.75
CA CYS A 14 -2.22 -6.74 1.65
C CYS A 14 -1.62 -8.00 1.02
N THR A 15 -0.29 -8.02 0.92
CA THR A 15 0.41 -9.16 0.33
C THR A 15 0.65 -10.26 1.37
N GLU A 16 -0.26 -10.36 2.34
CA GLU A 16 -0.15 -11.36 3.39
C GLU A 16 -1.48 -12.08 3.59
N CYS A 17 -2.55 -11.30 3.67
CA CYS A 17 -3.89 -11.86 3.87
C CYS A 17 -4.81 -11.50 2.70
N LYS A 18 -4.39 -10.54 1.89
CA LYS A 18 -5.16 -10.11 0.74
C LYS A 18 -6.46 -9.45 1.18
N LYS A 19 -6.36 -8.51 2.11
CA LYS A 19 -7.53 -7.81 2.62
C LYS A 19 -7.36 -6.29 2.48
N PHE A 20 -8.35 -5.65 1.86
CA PHE A 20 -8.31 -4.21 1.66
C PHE A 20 -8.24 -3.47 3.00
N ASN A 21 -7.28 -2.55 3.11
CA ASN A 21 -7.10 -1.78 4.34
C ASN A 21 -7.15 -0.29 4.05
N SER A 22 -7.79 0.47 4.94
CA SER A 22 -7.90 1.91 4.78
C SER A 22 -6.59 2.50 4.28
N PRO A 23 -6.70 3.49 3.37
CA PRO A 23 -5.53 4.17 2.79
C PRO A 23 -4.80 5.04 3.81
N SER A 24 -5.41 5.22 4.98
CA SER A 24 -4.82 6.03 6.03
C SER A 24 -3.87 5.20 6.89
N LYS A 25 -4.34 4.04 7.34
CA LYS A 25 -3.54 3.16 8.16
C LYS A 25 -2.34 2.62 7.39
N ARG A 26 -1.29 2.22 8.10
CA ARG A 26 -0.09 1.69 7.47
C ARG A 26 0.00 0.19 7.68
N TYR A 27 -0.23 -0.26 8.91
CA TYR A 27 -0.17 -1.68 9.24
C TYR A 27 -1.53 -2.33 9.08
N CYS A 28 -1.55 -3.55 8.54
CA CYS A 28 -2.78 -4.29 8.33
C CYS A 28 -3.49 -4.55 9.65
N PHE A 29 -4.71 -4.05 9.78
CA PHE A 29 -5.49 -4.22 11.00
C PHE A 29 -6.19 -5.59 11.00
N ARG A 30 -5.58 -6.56 10.33
CA ARG A 30 -6.14 -7.90 10.24
C ARG A 30 -5.07 -8.95 10.49
N CYS A 31 -3.87 -8.70 9.97
CA CYS A 31 -2.77 -9.63 10.14
C CYS A 31 -1.49 -8.90 10.56
N TRP A 32 -1.67 -7.77 11.27
CA TRP A 32 -0.54 -6.98 11.72
C TRP A 32 0.62 -7.06 10.75
N ALA A 33 0.36 -6.75 9.48
CA ALA A 33 1.39 -6.78 8.45
C ALA A 33 1.80 -5.37 8.03
N LEU A 34 2.88 -4.88 8.62
CA LEU A 34 3.38 -3.55 8.30
C LEU A 34 3.55 -3.38 6.80
N ARG A 35 3.97 -2.18 6.39
CA ARG A 35 4.18 -1.89 4.97
C ARG A 35 5.58 -2.29 4.53
N LYS A 36 5.66 -3.01 3.42
CA LYS A 36 6.94 -3.46 2.88
C LYS A 36 7.62 -2.35 2.09
N ASP A 37 6.95 -1.89 1.03
CA ASP A 37 7.50 -0.82 0.20
C ASP A 37 6.97 0.54 0.64
N TRP A 38 7.82 1.31 1.32
CA TRP A 38 7.43 2.63 1.80
C TRP A 38 7.21 3.59 0.63
N TYR A 39 8.23 3.72 -0.21
CA TYR A 39 8.13 4.61 -1.37
C TYR A 39 6.81 4.44 -2.09
N SER A 40 6.51 5.35 -3.01
CA SER A 40 5.27 5.31 -3.77
C SER A 40 4.09 4.94 -2.87
N ASP A 41 4.07 5.53 -1.68
CA ASP A 41 3.01 5.29 -0.72
C ASP A 41 1.67 5.82 -1.24
N CYS A 42 1.67 7.07 -1.66
CA CYS A 42 0.46 7.70 -2.18
C CYS A 42 0.73 8.38 -3.51
N SER A 43 0.74 7.60 -4.59
CA SER A 43 1.00 8.13 -5.92
C SER A 43 0.81 7.05 -6.98
N LYS A 44 0.10 7.38 -8.04
CA LYS A 44 -0.14 6.44 -9.13
C LYS A 44 0.91 6.58 -10.22
N LEU A 45 1.65 5.50 -10.47
CA LEU A 45 2.69 5.49 -11.49
C LEU A 45 2.25 4.72 -12.72
N THR A 46 1.85 3.47 -12.51
CA THR A 46 1.39 2.62 -13.62
C THR A 46 -0.13 2.58 -13.69
N HIS A 47 -0.69 3.32 -14.64
CA HIS A 47 -2.13 3.37 -14.82
C HIS A 47 -2.49 3.47 -16.30
N SER A 48 -3.14 2.43 -16.81
CA SER A 48 -3.54 2.41 -18.22
C SER A 48 -4.08 3.76 -18.66
N GLY A 49 -3.38 4.39 -19.61
CA GLY A 49 -3.80 5.68 -20.11
C GLY A 49 -3.78 5.76 -21.63
N PRO A 50 -3.84 6.99 -22.16
CA PRO A 50 -3.83 7.22 -23.60
C PRO A 50 -2.48 6.91 -24.23
N SER A 51 -2.50 6.37 -25.45
CA SER A 51 -1.27 6.02 -26.15
C SER A 51 -1.00 7.01 -27.28
N SER A 52 0.28 7.15 -27.64
CA SER A 52 0.68 8.06 -28.70
C SER A 52 0.78 7.34 -30.05
N GLY A 53 -0.04 7.77 -31.01
CA GLY A 53 -0.03 7.15 -32.31
C GLY A 53 1.35 7.06 -32.91
N GLY A 1 -20.27 18.81 2.03
CA GLY A 1 -19.52 18.94 3.27
C GLY A 1 -18.27 19.78 3.10
N SER A 2 -17.34 19.62 4.04
CA SER A 2 -16.08 20.37 3.99
C SER A 2 -15.57 20.50 2.56
N SER A 3 -14.99 21.64 2.25
CA SER A 3 -14.45 21.90 0.92
C SER A 3 -12.94 21.93 0.93
N GLY A 4 -12.32 20.76 0.80
CA GLY A 4 -10.87 20.66 0.80
C GLY A 4 -10.32 20.22 -0.54
N SER A 5 -9.65 19.07 -0.55
CA SER A 5 -9.06 18.55 -1.77
C SER A 5 -9.88 17.38 -2.32
N SER A 6 -10.14 17.40 -3.62
CA SER A 6 -10.92 16.35 -4.26
C SER A 6 -10.04 15.16 -4.62
N GLY A 7 -9.99 14.19 -3.71
CA GLY A 7 -9.18 13.01 -3.94
C GLY A 7 -9.97 11.73 -3.76
N SER A 8 -9.98 10.88 -4.79
CA SER A 8 -10.70 9.63 -4.75
C SER A 8 -10.20 8.74 -3.61
N GLU A 9 -10.98 7.72 -3.27
CA GLU A 9 -10.62 6.81 -2.20
C GLU A 9 -10.28 5.43 -2.75
N ASP A 10 -9.07 4.96 -2.44
CA ASP A 10 -8.62 3.65 -2.90
C ASP A 10 -7.80 2.94 -1.84
N GLU A 11 -8.30 1.82 -1.34
CA GLU A 11 -7.62 1.06 -0.31
C GLU A 11 -6.41 0.32 -0.90
N TRP A 12 -5.48 -0.06 -0.02
CA TRP A 12 -4.28 -0.77 -0.45
C TRP A 12 -4.37 -2.25 -0.12
N GLN A 13 -4.04 -3.09 -1.09
CA GLN A 13 -4.09 -4.53 -0.90
C GLN A 13 -3.01 -4.99 0.08
N CYS A 14 -3.29 -6.06 0.81
CA CYS A 14 -2.34 -6.59 1.78
C CYS A 14 -1.41 -7.61 1.12
N THR A 15 -0.34 -7.98 1.83
CA THR A 15 0.62 -8.94 1.32
C THR A 15 0.44 -10.31 1.97
N GLU A 16 -0.05 -10.30 3.21
CA GLU A 16 -0.28 -11.55 3.95
C GLU A 16 -1.67 -12.09 3.68
N CYS A 17 -2.68 -11.37 4.19
CA CYS A 17 -4.07 -11.77 4.01
C CYS A 17 -4.67 -11.13 2.77
N LYS A 18 -3.85 -10.38 2.04
CA LYS A 18 -4.31 -9.70 0.83
C LYS A 18 -5.65 -9.02 1.05
N LYS A 19 -5.90 -8.62 2.29
CA LYS A 19 -7.15 -7.95 2.64
C LYS A 19 -7.02 -6.44 2.50
N PHE A 20 -7.97 -5.82 1.81
CA PHE A 20 -7.95 -4.38 1.60
C PHE A 20 -8.02 -3.64 2.93
N ASN A 21 -7.14 -2.65 3.11
CA ASN A 21 -7.11 -1.87 4.33
C ASN A 21 -7.26 -0.37 4.03
N SER A 22 -7.71 0.38 5.02
CA SER A 22 -7.91 1.81 4.87
C SER A 22 -6.66 2.47 4.27
N PRO A 23 -6.88 3.45 3.38
CA PRO A 23 -5.79 4.17 2.72
C PRO A 23 -5.02 5.07 3.67
N SER A 24 -5.39 5.02 4.95
CA SER A 24 -4.74 5.83 5.97
C SER A 24 -3.79 4.99 6.82
N LYS A 25 -4.32 3.91 7.39
CA LYS A 25 -3.54 3.01 8.22
C LYS A 25 -2.41 2.37 7.42
N ARG A 26 -1.26 2.17 8.07
CA ARG A 26 -0.11 1.57 7.42
C ARG A 26 -0.09 0.07 7.64
N TYR A 27 -0.16 -0.35 8.90
CA TYR A 27 -0.15 -1.77 9.23
C TYR A 27 -1.55 -2.37 9.11
N CYS A 28 -1.64 -3.49 8.40
CA CYS A 28 -2.91 -4.17 8.20
C CYS A 28 -3.58 -4.47 9.55
N PHE A 29 -4.81 -4.00 9.71
CA PHE A 29 -5.56 -4.22 10.95
C PHE A 29 -6.26 -5.57 10.93
N ARG A 30 -5.64 -6.53 10.25
CA ARG A 30 -6.20 -7.88 10.15
C ARG A 30 -5.14 -8.93 10.46
N CYS A 31 -3.92 -8.70 9.98
CA CYS A 31 -2.82 -9.62 10.20
C CYS A 31 -1.56 -8.88 10.63
N TRP A 32 -1.74 -7.63 11.06
CA TRP A 32 -0.61 -6.81 11.50
C TRP A 32 0.50 -6.80 10.46
N ALA A 33 0.13 -7.00 9.20
CA ALA A 33 1.10 -7.01 8.11
C ALA A 33 1.54 -5.60 7.76
N LEU A 34 2.86 -5.40 7.69
CA LEU A 34 3.41 -4.09 7.35
C LEU A 34 3.65 -3.97 5.85
N ARG A 35 3.26 -2.83 5.29
CA ARG A 35 3.43 -2.58 3.86
C ARG A 35 4.86 -2.91 3.42
N LYS A 36 5.01 -3.33 2.17
CA LYS A 36 6.32 -3.66 1.63
C LYS A 36 7.26 -2.46 1.70
N ASP A 37 8.49 -2.71 2.17
CA ASP A 37 9.48 -1.65 2.29
C ASP A 37 10.04 -1.27 0.92
N TRP A 38 9.95 0.01 0.58
CA TRP A 38 10.44 0.51 -0.70
C TRP A 38 11.83 -0.05 -1.00
N TYR A 39 11.97 -0.68 -2.16
CA TYR A 39 13.25 -1.24 -2.57
C TYR A 39 13.86 -0.46 -3.72
N SER A 40 14.73 0.49 -3.39
CA SER A 40 15.39 1.32 -4.39
C SER A 40 16.90 1.24 -4.26
N ASP A 41 17.41 0.03 -4.05
CA ASP A 41 18.84 -0.18 -3.91
C ASP A 41 19.39 -1.02 -5.06
N CYS A 42 19.64 -0.39 -6.19
CA CYS A 42 20.16 -1.09 -7.36
C CYS A 42 21.65 -0.81 -7.54
N SER A 43 22.48 -1.59 -6.85
CA SER A 43 23.93 -1.42 -6.93
C SER A 43 24.58 -2.67 -7.52
N LYS A 44 24.10 -3.84 -7.10
CA LYS A 44 24.63 -5.10 -7.58
C LYS A 44 26.14 -5.17 -7.38
N LEU A 45 26.60 -4.71 -6.22
CA LEU A 45 28.03 -4.71 -5.90
C LEU A 45 28.81 -3.86 -6.91
N THR A 46 28.30 -2.66 -7.18
CA THR A 46 28.95 -1.75 -8.12
C THR A 46 30.08 -0.99 -7.44
N HIS A 47 31.19 -0.84 -8.15
CA HIS A 47 32.36 -0.14 -7.62
C HIS A 47 31.92 1.03 -6.74
N SER A 48 30.93 1.78 -7.19
CA SER A 48 30.42 2.92 -6.44
C SER A 48 31.53 3.91 -6.15
N GLY A 49 32.35 4.20 -7.16
CA GLY A 49 33.43 5.14 -6.99
C GLY A 49 33.21 6.45 -7.72
N PRO A 50 33.45 6.44 -9.04
CA PRO A 50 33.28 7.64 -9.88
C PRO A 50 31.81 8.01 -10.06
N SER A 51 31.57 9.19 -10.61
CA SER A 51 30.21 9.67 -10.83
C SER A 51 29.33 8.56 -11.41
N SER A 52 29.77 8.01 -12.54
CA SER A 52 29.03 6.94 -13.20
C SER A 52 27.52 7.14 -13.03
N GLY A 53 27.08 8.38 -13.20
CA GLY A 53 25.66 8.69 -13.07
C GLY A 53 25.14 9.53 -14.22
N GLY A 1 -22.99 12.55 -6.61
CA GLY A 1 -22.02 11.50 -6.80
C GLY A 1 -22.65 10.13 -6.94
N SER A 2 -22.46 9.49 -8.09
CA SER A 2 -23.02 8.17 -8.34
C SER A 2 -22.56 7.17 -7.27
N SER A 3 -21.25 7.04 -7.13
CA SER A 3 -20.69 6.12 -6.14
C SER A 3 -20.32 6.85 -4.86
N GLY A 4 -19.37 7.79 -4.98
CA GLY A 4 -18.94 8.54 -3.81
C GLY A 4 -17.86 7.83 -3.01
N SER A 5 -18.08 6.55 -2.74
CA SER A 5 -17.13 5.75 -1.98
C SER A 5 -16.16 5.03 -2.91
N SER A 6 -16.70 4.09 -3.68
CA SER A 6 -15.88 3.31 -4.61
C SER A 6 -15.39 4.19 -5.76
N GLY A 7 -14.15 3.97 -6.17
CA GLY A 7 -13.58 4.75 -7.26
C GLY A 7 -12.70 5.88 -6.76
N SER A 8 -13.24 6.72 -5.89
CA SER A 8 -12.50 7.85 -5.35
C SER A 8 -11.48 7.37 -4.30
N GLU A 9 -11.99 6.77 -3.24
CA GLU A 9 -11.13 6.27 -2.17
C GLU A 9 -10.76 4.82 -2.40
N ASP A 10 -9.52 4.57 -2.78
CA ASP A 10 -9.04 3.22 -3.03
C ASP A 10 -8.24 2.70 -1.85
N GLU A 11 -8.53 1.47 -1.44
CA GLU A 11 -7.83 0.85 -0.31
C GLU A 11 -6.56 0.13 -0.79
N TRP A 12 -5.62 -0.05 0.13
CA TRP A 12 -4.37 -0.72 -0.18
C TRP A 12 -4.46 -2.22 0.07
N GLN A 13 -3.96 -3.01 -0.87
CA GLN A 13 -3.99 -4.46 -0.74
C GLN A 13 -2.81 -4.96 0.09
N CYS A 14 -3.01 -6.08 0.77
CA CYS A 14 -1.97 -6.67 1.61
C CYS A 14 -1.44 -7.96 0.99
N THR A 15 -0.13 -8.05 0.85
CA THR A 15 0.50 -9.23 0.26
C THR A 15 0.75 -10.29 1.33
N GLU A 16 -0.12 -10.33 2.34
CA GLU A 16 0.01 -11.30 3.41
C GLU A 16 -1.33 -11.97 3.70
N CYS A 17 -2.39 -11.17 3.75
CA CYS A 17 -3.73 -11.68 4.02
C CYS A 17 -4.67 -11.35 2.87
N LYS A 18 -4.27 -10.40 2.03
CA LYS A 18 -5.08 -10.00 0.89
C LYS A 18 -6.39 -9.37 1.36
N LYS A 19 -6.29 -8.46 2.32
CA LYS A 19 -7.46 -7.78 2.86
C LYS A 19 -7.38 -6.28 2.62
N PHE A 20 -8.33 -5.74 1.86
CA PHE A 20 -8.37 -4.32 1.55
C PHE A 20 -8.50 -3.49 2.83
N ASN A 21 -7.52 -2.62 3.07
CA ASN A 21 -7.54 -1.77 4.25
C ASN A 21 -7.35 -0.30 3.88
N SER A 22 -7.88 0.59 4.71
CA SER A 22 -7.76 2.03 4.46
C SER A 22 -6.31 2.42 4.21
N PRO A 23 -6.11 3.39 3.30
CA PRO A 23 -4.78 3.88 2.95
C PRO A 23 -4.13 4.68 4.09
N SER A 24 -4.92 5.55 4.71
CA SER A 24 -4.43 6.37 5.82
C SER A 24 -3.55 5.54 6.76
N LYS A 25 -4.02 4.35 7.09
CA LYS A 25 -3.30 3.46 8.00
C LYS A 25 -2.32 2.58 7.21
N ARG A 26 -1.11 2.44 7.74
CA ARG A 26 -0.08 1.63 7.08
C ARG A 26 -0.17 0.17 7.55
N TYR A 27 -0.25 -0.01 8.86
CA TYR A 27 -0.33 -1.35 9.44
C TYR A 27 -1.58 -2.07 8.96
N CYS A 28 -1.56 -3.41 9.03
CA CYS A 28 -2.69 -4.22 8.60
C CYS A 28 -3.52 -4.65 9.80
N PHE A 29 -4.78 -4.22 9.81
CA PHE A 29 -5.69 -4.57 10.91
C PHE A 29 -6.33 -5.93 10.68
N ARG A 30 -5.58 -6.82 10.02
CA ARG A 30 -6.07 -8.17 9.74
C ARG A 30 -5.00 -9.21 10.04
N CYS A 31 -3.76 -8.88 9.71
CA CYS A 31 -2.64 -9.79 9.95
C CYS A 31 -1.47 -9.06 10.60
N TRP A 32 -1.78 -7.97 11.29
CA TRP A 32 -0.76 -7.18 11.96
C TRP A 32 0.54 -7.19 11.17
N ALA A 33 0.45 -6.93 9.86
CA ALA A 33 1.61 -6.91 9.00
C ALA A 33 1.74 -5.58 8.27
N LEU A 34 2.75 -4.79 8.65
CA LEU A 34 2.96 -3.48 8.02
C LEU A 34 2.84 -3.57 6.51
N ARG A 35 2.58 -2.43 5.87
CA ARG A 35 2.44 -2.39 4.43
C ARG A 35 3.76 -2.05 3.75
N LYS A 36 3.89 -2.39 2.48
CA LYS A 36 5.11 -2.13 1.72
C LYS A 36 4.90 -0.99 0.73
N ASP A 37 3.89 -1.13 -0.13
CA ASP A 37 3.59 -0.11 -1.13
C ASP A 37 3.66 1.28 -0.52
N TRP A 38 4.57 2.10 -1.05
CA TRP A 38 4.76 3.45 -0.55
C TRP A 38 4.27 4.48 -1.59
N TYR A 39 4.66 4.27 -2.83
CA TYR A 39 4.26 5.18 -3.91
C TYR A 39 3.12 4.57 -4.73
N SER A 40 2.42 5.43 -5.48
CA SER A 40 1.31 4.98 -6.31
C SER A 40 0.15 4.49 -5.45
N ASP A 41 -0.12 5.21 -4.37
CA ASP A 41 -1.21 4.85 -3.47
C ASP A 41 -2.29 5.93 -3.46
N CYS A 42 -2.70 6.35 -4.65
CA CYS A 42 -3.74 7.38 -4.78
C CYS A 42 -3.30 8.68 -4.13
N SER A 43 -2.04 9.05 -4.36
CA SER A 43 -1.49 10.28 -3.78
C SER A 43 -0.14 10.61 -4.40
N LYS A 44 0.16 11.90 -4.52
CA LYS A 44 1.42 12.35 -5.09
C LYS A 44 2.26 13.07 -4.05
N LEU A 45 3.36 12.44 -3.64
CA LEU A 45 4.26 13.02 -2.65
C LEU A 45 5.71 12.98 -3.14
N THR A 46 5.91 13.32 -4.41
CA THR A 46 7.24 13.33 -4.99
C THR A 46 8.24 14.02 -4.07
N HIS A 47 7.87 15.20 -3.58
CA HIS A 47 8.73 15.96 -2.68
C HIS A 47 8.09 16.13 -1.32
N SER A 48 8.55 15.34 -0.34
CA SER A 48 8.02 15.40 1.01
C SER A 48 9.13 15.22 2.04
N GLY A 49 8.90 15.76 3.23
CA GLY A 49 9.90 15.66 4.29
C GLY A 49 10.08 16.96 5.05
N PRO A 50 10.73 16.88 6.22
CA PRO A 50 10.97 18.05 7.07
C PRO A 50 12.00 19.00 6.46
N SER A 51 12.45 18.67 5.25
CA SER A 51 13.44 19.50 4.56
C SER A 51 14.82 19.32 5.18
N SER A 52 15.15 18.08 5.54
CA SER A 52 16.44 17.78 6.14
C SER A 52 17.56 18.57 5.46
N GLY A 53 17.60 18.49 4.13
CA GLY A 53 18.62 19.19 3.38
C GLY A 53 19.59 18.25 2.69
N GLY A 1 -14.98 6.49 -22.71
CA GLY A 1 -14.03 5.47 -23.11
C GLY A 1 -14.07 4.25 -22.21
N SER A 2 -13.15 4.19 -21.26
CA SER A 2 -13.07 3.07 -20.34
C SER A 2 -12.95 3.55 -18.89
N SER A 3 -13.95 3.22 -18.08
CA SER A 3 -13.95 3.63 -16.67
C SER A 3 -14.91 2.76 -15.86
N GLY A 4 -14.71 2.74 -14.54
CA GLY A 4 -15.57 1.96 -13.67
C GLY A 4 -15.43 2.34 -12.22
N SER A 5 -16.44 3.01 -11.69
CA SER A 5 -16.43 3.44 -10.29
C SER A 5 -17.53 2.76 -9.50
N SER A 6 -17.13 2.03 -8.47
CA SER A 6 -18.10 1.31 -7.61
C SER A 6 -17.97 1.75 -6.17
N GLY A 7 -17.81 3.06 -5.96
CA GLY A 7 -17.68 3.58 -4.61
C GLY A 7 -16.26 3.97 -4.27
N SER A 8 -15.93 3.95 -2.98
CA SER A 8 -14.60 4.30 -2.53
C SER A 8 -13.58 3.24 -2.95
N GLU A 9 -13.11 3.36 -4.19
CA GLU A 9 -12.13 2.42 -4.71
C GLU A 9 -10.71 2.89 -4.46
N ASP A 10 -10.48 3.41 -3.25
CA ASP A 10 -9.15 3.90 -2.87
C ASP A 10 -8.63 3.18 -1.64
N GLU A 11 -7.91 2.08 -1.87
CA GLU A 11 -7.36 1.29 -0.78
C GLU A 11 -6.17 0.47 -1.25
N TRP A 12 -5.34 0.04 -0.31
CA TRP A 12 -4.16 -0.76 -0.62
C TRP A 12 -4.35 -2.21 -0.18
N GLN A 13 -4.25 -3.14 -1.12
CA GLN A 13 -4.41 -4.55 -0.82
C GLN A 13 -3.20 -5.09 -0.05
N CYS A 14 -3.45 -5.98 0.90
CA CYS A 14 -2.39 -6.57 1.70
C CYS A 14 -1.65 -7.66 0.92
N THR A 15 -0.47 -8.02 1.40
CA THR A 15 0.33 -9.05 0.76
C THR A 15 0.27 -10.37 1.53
N GLU A 16 -0.16 -10.29 2.78
CA GLU A 16 -0.28 -11.48 3.62
C GLU A 16 -1.67 -12.08 3.53
N CYS A 17 -2.66 -11.35 4.02
CA CYS A 17 -4.04 -11.81 4.01
C CYS A 17 -4.72 -11.43 2.69
N LYS A 18 -4.12 -10.48 1.97
CA LYS A 18 -4.66 -10.03 0.70
C LYS A 18 -6.03 -9.38 0.89
N LYS A 19 -6.12 -8.47 1.86
CA LYS A 19 -7.37 -7.77 2.14
C LYS A 19 -7.28 -6.31 1.74
N PHE A 20 -8.43 -5.63 1.74
CA PHE A 20 -8.47 -4.21 1.38
C PHE A 20 -8.40 -3.33 2.62
N ASN A 21 -7.25 -2.72 2.85
CA ASN A 21 -7.04 -1.86 4.01
C ASN A 21 -7.15 -0.39 3.60
N SER A 22 -7.56 0.46 4.55
CA SER A 22 -7.71 1.89 4.29
C SER A 22 -6.34 2.53 4.03
N PRO A 23 -6.34 3.55 3.17
CA PRO A 23 -5.11 4.28 2.80
C PRO A 23 -4.57 5.12 3.96
N SER A 24 -5.24 5.03 5.11
CA SER A 24 -4.84 5.79 6.29
C SER A 24 -3.94 4.94 7.19
N LYS A 25 -4.39 3.73 7.48
CA LYS A 25 -3.63 2.82 8.33
C LYS A 25 -2.36 2.33 7.62
N ARG A 26 -1.25 2.31 8.36
CA ARG A 26 0.02 1.87 7.80
C ARG A 26 0.11 0.35 7.76
N TYR A 27 -0.01 -0.28 8.93
CA TYR A 27 0.05 -1.73 9.02
C TYR A 27 -1.35 -2.34 8.91
N CYS A 28 -1.39 -3.66 8.71
CA CYS A 28 -2.66 -4.37 8.58
C CYS A 28 -3.27 -4.64 9.95
N PHE A 29 -4.46 -4.11 10.17
CA PHE A 29 -5.16 -4.29 11.43
C PHE A 29 -5.88 -5.63 11.47
N ARG A 30 -5.52 -6.52 10.56
CA ARG A 30 -6.14 -7.83 10.48
C ARG A 30 -5.09 -8.94 10.63
N CYS A 31 -3.89 -8.69 10.10
CA CYS A 31 -2.81 -9.65 10.17
C CYS A 31 -1.51 -8.98 10.62
N TRP A 32 -1.64 -7.90 11.38
CA TRP A 32 -0.48 -7.17 11.87
C TRP A 32 0.66 -7.20 10.85
N ALA A 33 0.36 -6.77 9.63
CA ALA A 33 1.35 -6.74 8.57
C ALA A 33 1.78 -5.31 8.24
N LEU A 34 2.96 -4.93 8.72
CA LEU A 34 3.48 -3.59 8.48
C LEU A 34 3.90 -3.41 7.03
N ARG A 35 3.44 -2.33 6.41
CA ARG A 35 3.78 -2.04 5.02
C ARG A 35 5.25 -2.31 4.74
N LYS A 36 5.55 -2.75 3.53
CA LYS A 36 6.93 -3.04 3.14
C LYS A 36 7.62 -1.79 2.61
N ASP A 37 8.94 -1.81 2.59
CA ASP A 37 9.73 -0.67 2.11
C ASP A 37 9.48 -0.44 0.62
N TRP A 38 8.64 0.54 0.31
CA TRP A 38 8.32 0.87 -1.08
C TRP A 38 8.30 -0.39 -1.93
N TYR A 39 7.50 -1.37 -1.53
CA TYR A 39 7.39 -2.63 -2.26
C TYR A 39 7.23 -2.37 -3.76
N SER A 40 8.11 -2.98 -4.54
CA SER A 40 8.08 -2.81 -6.00
C SER A 40 7.78 -4.14 -6.69
N ASP A 41 6.82 -4.88 -6.15
CA ASP A 41 6.44 -6.17 -6.71
C ASP A 41 5.18 -6.05 -7.56
N CYS A 42 4.22 -5.26 -7.08
CA CYS A 42 2.96 -5.06 -7.79
C CYS A 42 3.19 -4.21 -9.04
N SER A 43 2.32 -4.40 -10.03
CA SER A 43 2.41 -3.65 -11.28
C SER A 43 2.36 -2.15 -11.02
N LYS A 44 1.42 -1.74 -10.19
CA LYS A 44 1.25 -0.33 -9.85
C LYS A 44 2.37 0.15 -8.92
N LEU A 45 2.93 1.31 -9.22
CA LEU A 45 4.00 1.88 -8.41
C LEU A 45 3.63 3.25 -7.88
N THR A 46 3.24 4.14 -8.79
CA THR A 46 2.86 5.50 -8.42
C THR A 46 1.97 5.50 -7.19
N HIS A 47 1.83 6.66 -6.57
CA HIS A 47 1.01 6.80 -5.37
C HIS A 47 1.55 5.94 -4.23
N SER A 48 2.88 5.93 -4.08
CA SER A 48 3.52 5.15 -3.03
C SER A 48 3.63 5.96 -1.74
N GLY A 49 4.26 7.13 -1.84
CA GLY A 49 4.43 7.98 -0.67
C GLY A 49 3.88 9.37 -0.89
N PRO A 50 2.82 9.72 -0.14
CA PRO A 50 2.19 11.03 -0.23
C PRO A 50 3.06 12.14 0.32
N SER A 51 4.15 11.76 0.98
CA SER A 51 5.08 12.74 1.56
C SER A 51 4.39 13.53 2.67
N SER A 52 3.64 12.84 3.51
CA SER A 52 2.92 13.48 4.61
C SER A 52 3.04 12.65 5.89
N GLY A 53 3.20 13.34 7.02
CA GLY A 53 3.31 12.65 8.29
C GLY A 53 3.19 13.59 9.48
#